data_7CY6
#
_entry.id   7CY6
#
_cell.length_a   153.173
_cell.length_b   127.055
_cell.length_c   64.217
_cell.angle_alpha   90.000
_cell.angle_beta   102.740
_cell.angle_gamma   90.000
#
_symmetry.space_group_name_H-M   'C 1 2 1'
#
loop_
_entity.id
_entity.type
_entity.pdbx_description
1 polymer 'Maltodextrin-binding protein,5-methylcytosine-modifying enzyme 1'
2 polymer "DNA (5'-D(P*(5CM)P*GP*CP*GP*CP*GP*GP*GP*A)-3')"
3 non-polymer 'TETRAETHYLENE GLYCOL'
4 non-polymer 1,2-ETHANEDIOL
5 non-polymer 'FE (II) ION'
6 water water
#
loop_
_entity_poly.entity_id
_entity_poly.type
_entity_poly.pdbx_seq_one_letter_code
_entity_poly.pdbx_strand_id
1 'polypeptide(L)'
;MKIEEGKLVIWINGDKGYNGLAEVGKKFEKDTGIKVTVEHPDKLEEKFPQVAATGDGPDIIFWAHDRFGGYAQSGLLAEI
TPAAAFQDKLYPFTWDAVRYNGKLIAYPIAVEALSLIYNKDLLPNPPKTWEEIPALDKELKAKGKSALMFNLQEPYFTWP
LIAADGGYAFKYAAGKYDIKDVGVDNAGAKAGLTFLVDLIKNKHMNADTDYSIAEAAFNKGETAMTINGPWAWSNIDTSA
VNYGVTVLPTFKGQPSKPFVGVLSAGINAASPNKELAKEFLENYLLTDEGLEAVNKDKPLGAVALKSYEEELAKDPRIAA
TMENAQKGEIMPNIPQMSAFWYAVRTAVINAASGRQTVDAALAAAQTNAARAAAMSVALASEYQLVQNAQLPQRWSQSAR
KSLAILEATARKEATAQMEAAGGSFCGQFPVDPAFKVLSLEYSAPNPDIARAIRRVDSVPNPPLPSHVVAIQSTAVDADL
SLAMGVSLTPGRHTSYLVDARALQQSNSAAVAARKADGDKWGPACDEMFRGCRCVTGQEVVFYTAVKEPAGEVEGGEGSL
FKPSFDGPAFRPSWGELSGKATGVVACVLQVPIGKETDIICAEYDNLVSKGQFATVDRFGGDHTVNMTGNALIQNDGKAI
SKGYAVAHRARVTSNVYGKANDVSLQRLAETVWSVVEKRLSFMPAYRDLVITEQGKPFMLGATATNIISLTENQGVMLHL
DTDDGVWTIILWFHRHSGIIAGGEFVLPSLGISFQPLDFTIVVFAANTIVHGTRPLQTTGKIIRWGSSHFLRFKDVNALA
QLGAAYGVDELDAKQRDQLEEVDAANSKDGVGAARRVASCMAAERKAAIEAQKAACVRGVVMNPCTGRMPSLLFWQVWRK
PPALAVRANAVAGKKRAAADVDFCGAAAALEHHHHHH
;
A
2 'polydeoxyribonucleotide' (DC)(DC)(5CM)(DG)(DC)(DG)(DC)(DG)(DG)(DG)(DA)(DT)(DG)(DT) C,D
#
loop_
_chem_comp.id
_chem_comp.type
_chem_comp.name
_chem_comp.formula
5CM DNA linking 5-METHYL-2'-DEOXY-CYTIDINE-5'-MONOPHOSPHATE 'C10 H16 N3 O7 P'
DA DNA linking 2'-DEOXYADENOSINE-5'-MONOPHOSPHATE 'C10 H14 N5 O6 P'
DC DNA linking 2'-DEOXYCYTIDINE-5'-MONOPHOSPHATE 'C9 H14 N3 O7 P'
DG DNA linking 2'-DEOXYGUANOSINE-5'-MONOPHOSPHATE 'C10 H14 N5 O7 P'
DT DNA linking THYMIDINE-5'-MONOPHOSPHATE 'C10 H15 N2 O8 P'
EDO non-polymer 1,2-ETHANEDIOL 'C2 H6 O2'
FE2 non-polymer 'FE (II) ION' 'Fe 2'
PG4 non-polymer 'TETRAETHYLENE GLYCOL' 'C8 H18 O5'
#
# COMPACT_ATOMS: atom_id res chain seq x y z
N ILE A 3 4.63 4.55 19.58
CA ILE A 3 4.43 5.95 20.03
C ILE A 3 4.85 6.07 21.50
N GLU A 4 5.73 7.03 21.80
CA GLU A 4 6.29 7.20 23.14
C GLU A 4 5.41 8.09 23.99
N GLU A 5 5.04 7.59 25.19
CA GLU A 5 4.30 8.39 26.15
C GLU A 5 5.18 9.51 26.69
N GLY A 6 4.56 10.66 26.97
CA GLY A 6 5.26 11.85 27.42
C GLY A 6 5.84 12.71 26.29
N LYS A 7 5.51 12.41 25.04
CA LYS A 7 6.00 13.14 23.87
C LYS A 7 4.86 13.39 22.91
N LEU A 8 5.11 14.21 21.91
CA LEU A 8 4.15 14.46 20.83
C LEU A 8 4.87 14.49 19.50
N VAL A 9 4.44 13.64 18.56
CA VAL A 9 4.93 13.65 17.19
C VAL A 9 3.75 14.00 16.28
N ILE A 10 3.97 14.97 15.39
CA ILE A 10 2.94 15.46 14.48
C ILE A 10 3.34 15.17 13.06
N TRP A 11 2.41 14.62 12.28
CA TRP A 11 2.59 14.53 10.84
C TRP A 11 1.76 15.61 10.15
N ILE A 12 2.36 16.27 9.17
CA ILE A 12 1.69 17.28 8.35
C ILE A 12 2.35 17.28 6.98
N ASN A 13 1.58 17.58 5.94
CA ASN A 13 2.11 17.53 4.59
C ASN A 13 3.24 18.53 4.40
N GLY A 14 4.13 18.22 3.46
CA GLY A 14 5.31 19.04 3.24
C GLY A 14 5.02 20.42 2.67
N ASP A 15 3.89 20.58 2.00
CA ASP A 15 3.54 21.88 1.40
C ASP A 15 2.92 22.87 2.40
N LYS A 16 2.86 22.51 3.68
CA LYS A 16 2.31 23.39 4.70
C LYS A 16 3.40 23.99 5.58
N GLY A 17 3.02 24.90 6.45
CA GLY A 17 3.98 25.62 7.27
C GLY A 17 4.50 24.84 8.47
N TYR A 18 5.23 23.75 8.22
CA TYR A 18 5.64 22.87 9.32
C TYR A 18 6.65 23.53 10.24
N ASN A 19 7.50 24.41 9.70
CA ASN A 19 8.44 25.12 10.56
C ASN A 19 7.72 26.09 11.49
N GLY A 20 6.68 26.75 10.99
CA GLY A 20 5.85 27.57 11.87
C GLY A 20 5.16 26.73 12.95
N LEU A 21 4.64 25.57 12.57
CA LEU A 21 4.07 24.65 13.55
C LEU A 21 5.11 24.21 14.57
N ALA A 22 6.33 23.92 14.11
CA ALA A 22 7.41 23.54 15.02
C ALA A 22 7.67 24.61 16.08
N GLU A 23 7.50 25.88 15.70
CA GLU A 23 7.65 26.98 16.66
C GLU A 23 6.55 26.95 17.71
N VAL A 24 5.34 26.52 17.34
CA VAL A 24 4.26 26.37 18.32
C VAL A 24 4.57 25.21 19.27
N GLY A 25 5.14 24.14 18.73
CA GLY A 25 5.60 23.05 19.59
C GLY A 25 6.75 23.47 20.48
N LYS A 26 7.68 24.25 19.94
CA LYS A 26 8.79 24.77 20.74
C LYS A 26 8.27 25.67 21.86
N LYS A 27 7.24 26.48 21.59
CA LYS A 27 6.60 27.24 22.66
C LYS A 27 5.84 26.31 23.62
N PHE A 28 5.33 25.19 23.11
CA PHE A 28 4.65 24.22 23.97
C PHE A 28 5.64 23.51 24.90
N GLU A 29 6.77 23.06 24.35
CA GLU A 29 7.82 22.41 25.13
C GLU A 29 8.31 23.29 26.26
N LYS A 30 8.32 24.61 26.05
CA LYS A 30 8.80 25.52 27.09
C LYS A 30 7.87 25.51 28.32
N ASP A 31 6.56 25.50 28.09
CA ASP A 31 5.61 25.68 29.19
C ASP A 31 5.35 24.40 29.97
N THR A 32 5.48 23.24 29.32
CA THR A 32 5.11 21.98 29.95
C THR A 32 6.24 20.94 29.96
N GLY A 33 7.31 21.15 29.19
CA GLY A 33 8.43 20.22 29.14
C GLY A 33 8.25 19.07 28.17
N ILE A 34 7.20 19.09 27.35
CA ILE A 34 6.91 18.03 26.41
C ILE A 34 7.46 18.40 25.04
N LYS A 35 8.44 17.64 24.58
CA LYS A 35 9.03 17.90 23.26
C LYS A 35 8.00 17.60 22.18
N VAL A 36 7.95 18.48 21.17
CA VAL A 36 7.05 18.32 20.03
C VAL A 36 7.90 18.21 18.77
N THR A 37 7.75 17.08 18.07
CA THR A 37 8.47 16.81 16.84
C THR A 37 7.50 16.85 15.67
N VAL A 38 7.74 17.78 14.75
CA VAL A 38 6.95 17.91 13.52
C VAL A 38 7.73 17.25 12.37
N GLU A 39 7.08 16.31 11.69
CA GLU A 39 7.65 15.61 10.55
C GLU A 39 6.72 15.78 9.36
N HIS A 40 7.29 15.73 8.15
CA HIS A 40 6.51 15.80 6.92
C HIS A 40 6.84 14.62 6.01
N PRO A 41 6.37 13.41 6.36
CA PRO A 41 6.63 12.24 5.53
C PRO A 41 6.00 12.35 4.15
N ASP A 42 6.59 11.63 3.20
CA ASP A 42 6.02 11.50 1.86
C ASP A 42 4.86 10.51 1.85
N LYS A 43 4.00 10.66 0.86
CA LYS A 43 2.78 9.86 0.73
C LYS A 43 2.06 9.79 2.09
N LEU A 44 1.87 10.96 2.68
CA LEU A 44 1.32 11.04 4.03
C LEU A 44 -0.10 10.47 4.10
N GLU A 45 -0.90 10.72 3.07
CA GLU A 45 -2.27 10.20 3.04
C GLU A 45 -2.28 8.68 2.97
N GLU A 46 -1.28 8.09 2.32
CA GLU A 46 -1.18 6.63 2.26
C GLU A 46 -0.50 6.08 3.52
N LYS A 47 0.47 6.82 4.05
CA LYS A 47 1.33 6.28 5.10
C LYS A 47 0.62 6.21 6.45
N PHE A 48 -0.27 7.17 6.72
CA PHE A 48 -0.93 7.21 8.02
C PHE A 48 -1.88 6.03 8.27
N PRO A 49 -2.76 5.66 7.32
CA PRO A 49 -3.62 4.49 7.59
C PRO A 49 -2.84 3.17 7.67
N GLN A 50 -1.72 3.07 6.94
CA GLN A 50 -0.87 1.88 6.99
C GLN A 50 -0.17 1.76 8.35
N VAL A 51 0.34 2.86 8.88
CA VAL A 51 1.08 2.80 10.13
C VAL A 51 0.18 2.93 11.37
N ALA A 52 -0.93 3.66 11.29
CA ALA A 52 -1.82 3.79 12.44
C ALA A 52 -2.56 2.49 12.73
N ALA A 53 -2.88 1.73 11.68
CA ALA A 53 -3.55 0.43 11.85
C ALA A 53 -2.71 -0.54 12.68
N THR A 54 -1.42 -0.26 12.86
CA THR A 54 -0.54 -1.11 13.65
C THR A 54 -0.23 -0.50 15.02
N GLY A 55 -1.06 0.41 15.50
CA GLY A 55 -0.80 1.06 16.77
C GLY A 55 0.43 1.95 16.81
N ASP A 56 0.95 2.31 15.65
CA ASP A 56 2.13 3.16 15.55
C ASP A 56 1.80 4.43 14.77
N GLY A 57 2.81 5.23 14.51
CA GLY A 57 2.66 6.48 13.80
C GLY A 57 2.55 7.67 14.73
N PRO A 58 2.06 8.80 14.21
CA PRO A 58 2.12 10.06 14.96
C PRO A 58 1.06 10.15 16.03
N ASP A 59 1.22 11.13 16.92
CA ASP A 59 0.18 11.47 17.89
C ASP A 59 -0.94 12.26 17.24
N ILE A 60 -0.59 13.13 16.28
CA ILE A 60 -1.52 14.02 15.61
C ILE A 60 -1.28 13.95 14.11
N ILE A 61 -2.35 13.87 13.33
CA ILE A 61 -2.29 13.87 11.88
C ILE A 61 -2.96 15.13 11.35
N PHE A 62 -2.30 15.82 10.44
CA PHE A 62 -2.88 16.96 9.72
C PHE A 62 -3.19 16.54 8.29
N TRP A 63 -4.45 16.65 7.90
CA TRP A 63 -4.84 16.35 6.53
C TRP A 63 -6.20 16.95 6.24
N ALA A 64 -6.56 16.96 4.95
CA ALA A 64 -7.90 17.30 4.51
C ALA A 64 -8.95 16.44 5.23
N HIS A 65 -10.04 17.08 5.65
CA HIS A 65 -11.04 16.44 6.47
C HIS A 65 -11.67 15.22 5.76
N ASP A 66 -11.68 15.22 4.43
CA ASP A 66 -12.40 14.20 3.67
C ASP A 66 -11.81 12.80 3.88
N ARG A 67 -10.52 12.72 4.21
CA ARG A 67 -9.92 11.41 4.44
C ARG A 67 -10.26 10.84 5.82
N PHE A 68 -10.61 11.72 6.76
CA PHE A 68 -10.78 11.34 8.17
C PHE A 68 -11.98 10.45 8.47
N GLY A 69 -13.01 10.49 7.62
CA GLY A 69 -14.12 9.54 7.79
C GLY A 69 -13.71 8.11 7.48
N GLY A 70 -12.94 7.92 6.41
CA GLY A 70 -12.30 6.64 6.16
C GLY A 70 -11.48 6.18 7.37
N TYR A 71 -10.71 7.10 7.95
CA TYR A 71 -9.90 6.76 9.12
C TYR A 71 -10.76 6.36 10.30
N ALA A 72 -11.87 7.07 10.50
CA ALA A 72 -12.78 6.78 11.61
C ALA A 72 -13.47 5.43 11.45
N GLN A 73 -13.82 5.07 10.21
CA GLN A 73 -14.38 3.73 9.94
C GLN A 73 -13.45 2.63 10.43
N SER A 74 -12.13 2.85 10.28
CA SER A 74 -11.11 1.90 10.69
C SER A 74 -10.69 2.06 12.15
N GLY A 75 -11.32 2.95 12.89
CA GLY A 75 -10.96 3.18 14.29
C GLY A 75 -9.57 3.73 14.52
N LEU A 76 -9.04 4.48 13.56
CA LEU A 76 -7.70 5.05 13.70
C LEU A 76 -7.68 6.34 14.51
N LEU A 77 -8.83 6.93 14.80
CA LEU A 77 -8.89 8.27 15.39
C LEU A 77 -9.64 8.24 16.70
N ALA A 78 -9.14 9.04 17.64
CA ALA A 78 -9.79 9.22 18.94
C ALA A 78 -10.91 10.24 18.82
N GLU A 79 -12.00 10.01 19.57
CA GLU A 79 -13.03 11.03 19.70
C GLU A 79 -12.47 12.19 20.49
N ILE A 80 -12.52 13.36 19.91
CA ILE A 80 -12.06 14.57 20.58
C ILE A 80 -13.21 15.15 21.38
N THR A 81 -12.88 15.85 22.46
CA THR A 81 -13.88 16.31 23.41
C THR A 81 -13.70 17.79 23.71
N PRO A 82 -13.93 18.67 22.71
CA PRO A 82 -13.90 20.10 23.01
C PRO A 82 -15.12 20.52 23.83
N ALA A 83 -14.88 21.37 24.82
CA ALA A 83 -15.96 22.01 25.56
C ALA A 83 -16.78 22.90 24.63
N ALA A 84 -18.05 23.11 24.99
CA ALA A 84 -18.93 23.93 24.17
C ALA A 84 -18.37 25.33 23.97
N ALA A 85 -17.72 25.87 25.00
CA ALA A 85 -17.06 27.17 24.88
C ALA A 85 -15.98 27.16 23.79
N PHE A 86 -15.17 26.11 23.73
CA PHE A 86 -14.12 26.06 22.73
C PHE A 86 -14.71 25.91 21.33
N GLN A 87 -15.76 25.10 21.18
CA GLN A 87 -16.39 24.93 19.87
C GLN A 87 -16.93 26.26 19.32
N ASP A 88 -17.27 27.19 20.21
CA ASP A 88 -17.77 28.50 19.78
C ASP A 88 -16.69 29.37 19.15
N LYS A 89 -15.42 29.04 19.36
CA LYS A 89 -14.32 29.82 18.79
C LYS A 89 -14.18 29.58 17.28
N LEU A 90 -14.74 28.48 16.78
CA LEU A 90 -14.58 28.09 15.39
C LEU A 90 -15.92 28.16 14.68
N TYR A 91 -15.90 28.46 13.39
CA TYR A 91 -17.13 28.55 12.61
C TYR A 91 -17.91 27.23 12.67
N PRO A 92 -19.23 27.29 12.86
CA PRO A 92 -20.02 26.05 12.99
C PRO A 92 -19.84 25.04 11.85
N PHE A 93 -19.82 25.50 10.59
CA PHE A 93 -19.75 24.54 9.49
C PHE A 93 -18.46 23.74 9.48
N THR A 94 -17.38 24.28 10.07
CA THR A 94 -16.12 23.55 10.09
C THR A 94 -16.20 22.36 11.05
N TRP A 95 -16.94 22.50 12.15
CA TRP A 95 -17.18 21.34 13.00
C TRP A 95 -17.98 20.26 12.26
N ASP A 96 -18.90 20.66 11.37
CA ASP A 96 -19.62 19.66 10.58
C ASP A 96 -18.67 18.82 9.72
N ALA A 97 -17.56 19.42 9.27
CA ALA A 97 -16.64 18.71 8.41
C ALA A 97 -15.83 17.64 9.13
N VAL A 98 -15.84 17.64 10.46
CA VAL A 98 -15.04 16.71 11.24
C VAL A 98 -15.93 15.83 12.12
N ARG A 99 -17.10 15.46 11.59
CA ARG A 99 -18.03 14.58 12.29
C ARG A 99 -18.17 13.27 11.54
N TYR A 100 -17.95 12.17 12.26
CA TYR A 100 -18.29 10.85 11.74
C TYR A 100 -19.14 10.13 12.77
N ASN A 101 -20.29 9.62 12.33
CA ASN A 101 -21.20 8.85 13.18
C ASN A 101 -21.65 9.66 14.40
N GLY A 102 -21.91 10.95 14.18
CA GLY A 102 -22.28 11.86 15.24
C GLY A 102 -21.19 12.21 16.24
N LYS A 103 -19.95 11.80 15.99
CA LYS A 103 -18.83 12.08 16.88
C LYS A 103 -17.84 13.02 16.21
N LEU A 104 -17.32 13.97 16.97
CA LEU A 104 -16.22 14.81 16.51
C LEU A 104 -14.93 13.99 16.50
N ILE A 105 -14.22 14.00 15.38
CA ILE A 105 -13.02 13.18 15.23
C ILE A 105 -11.78 13.97 14.86
N ALA A 106 -11.85 15.30 14.92
CA ALA A 106 -10.71 16.14 14.54
C ALA A 106 -11.00 17.59 14.85
N TYR A 107 -9.93 18.39 14.95
CA TYR A 107 -10.05 19.84 15.10
C TYR A 107 -9.87 20.50 13.73
N PRO A 108 -10.82 21.35 13.31
CA PRO A 108 -10.57 22.11 12.07
C PRO A 108 -9.44 23.13 12.27
N ILE A 109 -8.70 23.40 11.19
CA ILE A 109 -7.66 24.41 11.23
C ILE A 109 -7.87 25.46 10.14
N ALA A 110 -7.94 25.02 8.87
CA ALA A 110 -8.03 25.95 7.76
C ALA A 110 -9.13 25.51 6.79
N VAL A 111 -9.59 26.46 5.97
CA VAL A 111 -10.70 26.28 5.07
C VAL A 111 -10.25 26.70 3.68
N GLU A 112 -10.49 25.86 2.68
CA GLU A 112 -10.20 26.23 1.31
C GLU A 112 -11.37 25.87 0.40
N ALA A 113 -11.57 26.70 -0.61
CA ALA A 113 -12.52 26.48 -1.68
C ALA A 113 -12.06 27.29 -2.89
N LEU A 114 -12.59 26.93 -4.06
CA LEU A 114 -12.32 27.65 -5.29
C LEU A 114 -12.95 29.06 -5.25
N SER A 115 -12.29 30.01 -5.89
CA SER A 115 -12.87 31.32 -6.12
C SER A 115 -12.73 31.72 -7.57
N LEU A 116 -13.38 32.83 -7.92
CA LEU A 116 -13.18 33.47 -9.20
C LEU A 116 -11.99 34.42 -9.13
N ILE A 117 -11.03 34.24 -10.04
CA ILE A 117 -9.86 35.09 -10.11
C ILE A 117 -9.97 35.87 -11.41
N TYR A 118 -9.87 37.20 -11.33
CA TYR A 118 -10.08 38.02 -12.51
C TYR A 118 -8.99 39.06 -12.65
N ASN A 119 -8.76 39.46 -13.90
CA ASN A 119 -7.73 40.41 -14.27
C ASN A 119 -8.32 41.81 -14.26
N LYS A 120 -7.89 42.64 -13.32
CA LYS A 120 -8.52 43.94 -13.10
C LYS A 120 -8.36 44.89 -14.28
N ASP A 121 -7.30 44.72 -15.06
CA ASP A 121 -7.12 45.60 -16.23
C ASP A 121 -7.99 45.17 -17.39
N LEU A 122 -8.14 43.87 -17.59
CA LEU A 122 -9.00 43.35 -18.66
C LEU A 122 -10.48 43.45 -18.30
N LEU A 123 -10.78 43.45 -17.01
CA LEU A 123 -12.14 43.30 -16.54
C LEU A 123 -12.27 43.97 -15.17
N PRO A 124 -12.55 45.27 -15.13
CA PRO A 124 -12.66 45.96 -13.84
C PRO A 124 -13.81 45.45 -12.97
N ASN A 125 -14.92 45.03 -13.59
CA ASN A 125 -16.06 44.51 -12.84
C ASN A 125 -16.39 43.09 -13.32
N PRO A 126 -15.98 42.07 -12.54
CA PRO A 126 -16.21 40.70 -12.98
C PRO A 126 -17.69 40.37 -12.96
N PRO A 127 -18.14 39.44 -13.81
CA PRO A 127 -19.57 39.17 -13.90
C PRO A 127 -20.11 38.47 -12.66
N LYS A 128 -21.29 38.89 -12.22
CA LYS A 128 -21.92 38.25 -11.08
C LYS A 128 -22.55 36.91 -11.44
N THR A 129 -22.78 36.66 -12.73
CA THR A 129 -23.50 35.46 -13.15
C THR A 129 -22.76 34.76 -14.27
N TRP A 130 -22.95 33.44 -14.36
CA TRP A 130 -22.41 32.67 -15.47
C TRP A 130 -23.00 33.11 -16.80
N GLU A 131 -24.27 33.51 -16.79
CA GLU A 131 -25.01 33.77 -18.02
C GLU A 131 -24.46 34.98 -18.79
N GLU A 132 -23.81 35.91 -18.09
CA GLU A 132 -23.18 37.06 -18.75
C GLU A 132 -21.93 36.68 -19.53
N ILE A 133 -21.32 35.55 -19.18
CA ILE A 133 -19.98 35.24 -19.68
C ILE A 133 -19.90 35.10 -21.19
N PRO A 134 -20.89 34.50 -21.87
CA PRO A 134 -20.82 34.47 -23.35
C PRO A 134 -20.71 35.86 -24.02
N ALA A 135 -21.55 36.81 -23.62
CA ALA A 135 -21.46 38.15 -24.18
C ALA A 135 -20.09 38.77 -23.88
N LEU A 136 -19.74 38.78 -22.59
CA LEU A 136 -18.43 39.26 -22.15
C LEU A 136 -17.28 38.63 -22.93
N ASP A 137 -17.40 37.34 -23.26
CA ASP A 137 -16.35 36.69 -24.04
C ASP A 137 -16.30 37.20 -25.48
N LYS A 138 -17.47 37.57 -26.02
CA LYS A 138 -17.51 38.09 -27.38
C LYS A 138 -16.71 39.38 -27.52
N GLU A 139 -16.90 40.31 -26.58
CA GLU A 139 -16.14 41.57 -26.59
C GLU A 139 -14.64 41.30 -26.44
N LEU A 140 -14.28 40.45 -25.47
CA LEU A 140 -12.87 40.16 -25.22
C LEU A 140 -12.23 39.45 -26.41
N LYS A 141 -13.01 38.64 -27.13
CA LYS A 141 -12.51 38.00 -28.34
C LYS A 141 -12.14 39.03 -29.41
N ALA A 142 -12.93 40.10 -29.51
CA ALA A 142 -12.64 41.16 -30.48
C ALA A 142 -11.32 41.86 -30.16
N LYS A 143 -10.94 41.87 -28.88
CA LYS A 143 -9.69 42.46 -28.44
C LYS A 143 -8.52 41.47 -28.47
N GLY A 144 -8.74 40.24 -28.93
CA GLY A 144 -7.69 39.23 -28.90
C GLY A 144 -7.51 38.54 -27.56
N LYS A 145 -8.56 38.47 -26.75
CA LYS A 145 -8.54 37.83 -25.44
C LYS A 145 -9.70 36.84 -25.33
N SER A 146 -9.78 36.18 -24.18
CA SER A 146 -10.93 35.36 -23.82
C SER A 146 -11.41 35.76 -22.43
N ALA A 147 -12.68 35.48 -22.16
CA ALA A 147 -13.27 35.81 -20.87
C ALA A 147 -12.79 34.91 -19.74
N LEU A 148 -12.73 33.60 -19.98
CA LEU A 148 -12.56 32.63 -18.90
C LEU A 148 -11.83 31.39 -19.38
N MET A 149 -10.79 31.00 -18.64
CA MET A 149 -10.17 29.69 -18.82
C MET A 149 -9.90 29.05 -17.47
N PHE A 150 -10.32 27.80 -17.30
CA PHE A 150 -9.99 27.05 -16.10
C PHE A 150 -9.95 25.56 -16.43
N ASN A 151 -9.39 24.79 -15.51
CA ASN A 151 -9.20 23.37 -15.71
C ASN A 151 -10.53 22.64 -15.92
N LEU A 152 -10.77 22.17 -17.14
CA LEU A 152 -11.97 21.40 -17.41
C LEU A 152 -11.73 19.91 -17.33
N GLN A 153 -10.52 19.48 -17.02
CA GLN A 153 -10.23 18.04 -17.01
C GLN A 153 -10.64 17.36 -15.72
N GLU A 154 -10.64 18.10 -14.60
CA GLU A 154 -10.90 17.52 -13.28
C GLU A 154 -12.24 18.02 -12.77
N PRO A 155 -13.12 17.11 -12.34
CA PRO A 155 -14.45 17.57 -11.89
C PRO A 155 -14.40 18.43 -10.63
N TYR A 156 -13.31 18.43 -9.89
CA TYR A 156 -13.20 19.34 -8.75
C TYR A 156 -13.41 20.80 -9.21
N PHE A 157 -12.95 21.11 -10.41
CA PHE A 157 -13.01 22.48 -10.90
C PHE A 157 -14.33 22.82 -11.57
N THR A 158 -14.97 21.84 -12.20
CA THR A 158 -16.23 22.10 -12.90
C THR A 158 -17.45 21.85 -12.02
N TRP A 159 -17.27 21.11 -10.93
CA TRP A 159 -18.37 20.87 -9.99
C TRP A 159 -19.13 22.11 -9.49
N PRO A 160 -18.47 23.25 -9.20
CA PRO A 160 -19.24 24.39 -8.66
C PRO A 160 -20.39 24.80 -9.57
N LEU A 161 -20.18 24.72 -10.88
CA LEU A 161 -21.22 25.06 -11.82
C LEU A 161 -22.27 23.93 -11.91
N ILE A 162 -21.81 22.68 -11.89
CA ILE A 162 -22.72 21.56 -12.02
C ILE A 162 -23.63 21.47 -10.78
N ALA A 163 -23.10 21.85 -9.62
CA ALA A 163 -23.88 21.73 -8.41
C ALA A 163 -24.76 22.94 -8.11
N ALA A 164 -24.52 24.07 -8.77
CA ALA A 164 -25.17 25.32 -8.37
C ALA A 164 -26.69 25.18 -8.28
N ASP A 165 -27.27 24.50 -9.26
CA ASP A 165 -28.72 24.41 -9.38
C ASP A 165 -29.28 23.09 -8.85
N GLY A 166 -28.47 22.26 -8.20
CA GLY A 166 -29.02 21.07 -7.59
C GLY A 166 -28.21 19.79 -7.57
N GLY A 167 -27.07 19.74 -8.24
CA GLY A 167 -26.19 18.57 -8.14
C GLY A 167 -25.62 18.42 -6.74
N TYR A 168 -25.45 17.16 -6.32
CA TYR A 168 -24.77 16.83 -5.08
C TYR A 168 -24.07 15.50 -5.24
N ALA A 169 -23.10 15.24 -4.38
CA ALA A 169 -22.36 13.98 -4.46
C ALA A 169 -23.18 12.85 -3.87
N PHE A 170 -23.16 12.75 -2.54
CA PHE A 170 -24.02 11.81 -1.82
C PHE A 170 -24.96 12.60 -0.93
N LYS A 171 -26.21 12.15 -0.85
CA LYS A 171 -27.17 12.82 0.02
C LYS A 171 -26.80 12.65 1.48
N TYR A 172 -26.88 13.74 2.22
CA TYR A 172 -26.55 13.73 3.66
C TYR A 172 -27.82 13.89 4.45
N ALA A 173 -28.03 13.02 5.43
CA ALA A 173 -29.21 13.11 6.28
C ALA A 173 -28.96 12.31 7.55
N ALA A 174 -29.32 12.90 8.68
CA ALA A 174 -29.19 12.29 10.01
C ALA A 174 -27.73 11.94 10.32
N GLY A 175 -26.84 12.87 10.01
CA GLY A 175 -25.43 12.70 10.31
C GLY A 175 -24.68 11.66 9.48
N LYS A 176 -25.28 11.19 8.38
CA LYS A 176 -24.65 10.16 7.55
C LYS A 176 -24.85 10.45 6.08
N TYR A 177 -23.90 9.97 5.27
CA TYR A 177 -24.01 10.04 3.83
C TYR A 177 -24.68 8.78 3.30
N ASP A 178 -25.75 8.95 2.52
CA ASP A 178 -26.44 7.82 1.90
C ASP A 178 -25.79 7.51 0.56
N ILE A 179 -24.96 6.48 0.52
CA ILE A 179 -24.25 6.11 -0.70
C ILE A 179 -25.17 5.54 -1.78
N LYS A 180 -26.43 5.28 -1.46
CA LYS A 180 -27.38 4.89 -2.50
C LYS A 180 -27.94 6.11 -3.24
N ASP A 181 -27.75 7.31 -2.71
CA ASP A 181 -28.39 8.52 -3.22
C ASP A 181 -27.30 9.43 -3.79
N VAL A 182 -27.05 9.28 -5.08
CA VAL A 182 -26.08 10.11 -5.79
C VAL A 182 -26.84 11.17 -6.56
N GLY A 183 -26.30 12.39 -6.58
CA GLY A 183 -27.04 13.55 -7.12
C GLY A 183 -26.48 14.10 -8.41
N VAL A 184 -26.09 13.20 -9.28
CA VAL A 184 -25.43 13.54 -10.53
C VAL A 184 -26.40 13.68 -11.70
N ASP A 185 -27.60 13.11 -11.56
CA ASP A 185 -28.54 12.93 -12.66
C ASP A 185 -29.80 13.78 -12.54
N ASN A 186 -29.87 14.69 -11.57
CA ASN A 186 -31.07 15.49 -11.45
C ASN A 186 -31.06 16.68 -12.42
N ALA A 187 -32.14 17.45 -12.43
CA ALA A 187 -32.29 18.53 -13.39
C ALA A 187 -31.26 19.63 -13.16
N GLY A 188 -30.94 19.92 -11.90
CA GLY A 188 -29.97 20.97 -11.60
C GLY A 188 -28.59 20.64 -12.14
N ALA A 189 -28.15 19.39 -11.91
CA ALA A 189 -26.86 18.96 -12.40
C ALA A 189 -26.83 18.97 -13.92
N LYS A 190 -27.93 18.55 -14.56
CA LYS A 190 -27.99 18.51 -16.02
C LYS A 190 -27.90 19.92 -16.60
N ALA A 191 -28.62 20.88 -15.99
CA ALA A 191 -28.58 22.27 -16.45
C ALA A 191 -27.20 22.88 -16.28
N GLY A 192 -26.54 22.60 -15.16
CA GLY A 192 -25.17 23.07 -14.96
C GLY A 192 -24.22 22.55 -16.03
N LEU A 193 -24.17 21.23 -16.20
CA LEU A 193 -23.28 20.65 -17.21
C LEU A 193 -23.65 21.12 -18.62
N THR A 194 -24.93 21.31 -18.88
CA THR A 194 -25.37 21.78 -20.19
C THR A 194 -24.80 23.17 -20.49
N PHE A 195 -24.90 24.07 -19.53
CA PHE A 195 -24.34 25.40 -19.71
C PHE A 195 -22.84 25.33 -19.98
N LEU A 196 -22.15 24.44 -19.28
CA LEU A 196 -20.73 24.26 -19.49
C LEU A 196 -20.44 23.83 -20.93
N VAL A 197 -21.16 22.82 -21.43
CA VAL A 197 -20.89 22.33 -22.77
C VAL A 197 -21.36 23.34 -23.82
N ASP A 198 -22.43 24.08 -23.53
CA ASP A 198 -22.84 25.17 -24.42
C ASP A 198 -21.74 26.22 -24.55
N LEU A 199 -21.00 26.46 -23.48
CA LEU A 199 -19.84 27.36 -23.57
C LEU A 199 -18.82 26.81 -24.54
N ILE A 200 -18.55 25.51 -24.48
CA ILE A 200 -17.60 24.90 -25.39
C ILE A 200 -18.14 24.91 -26.82
N LYS A 201 -19.43 24.60 -26.97
CA LYS A 201 -20.03 24.48 -28.30
C LYS A 201 -19.99 25.82 -29.03
N ASN A 202 -20.17 26.91 -28.29
CA ASN A 202 -20.10 28.25 -28.85
C ASN A 202 -18.69 28.85 -28.76
N LYS A 203 -17.67 27.98 -28.65
CA LYS A 203 -16.26 28.36 -28.76
C LYS A 203 -15.82 29.39 -27.71
N HIS A 204 -16.61 29.58 -26.65
CA HIS A 204 -16.17 30.42 -25.54
C HIS A 204 -15.09 29.73 -24.70
N MET A 205 -15.07 28.39 -24.73
CA MET A 205 -14.11 27.61 -23.98
C MET A 205 -13.68 26.42 -24.82
N ASN A 206 -12.49 25.89 -24.54
CA ASN A 206 -11.92 24.73 -25.25
C ASN A 206 -12.01 23.49 -24.36
N ALA A 207 -12.48 22.38 -24.94
CA ALA A 207 -12.56 21.11 -24.22
C ALA A 207 -11.20 20.61 -23.73
N ASP A 208 -10.10 21.08 -24.34
CA ASP A 208 -8.76 20.62 -24.01
C ASP A 208 -8.13 21.34 -22.83
N THR A 209 -8.69 22.47 -22.40
CA THR A 209 -8.05 23.28 -21.37
C THR A 209 -7.90 22.50 -20.06
N ASP A 210 -6.66 22.45 -19.56
CA ASP A 210 -6.34 21.74 -18.33
C ASP A 210 -5.78 22.74 -17.29
N TYR A 211 -5.20 22.23 -16.21
CA TYR A 211 -4.68 23.11 -15.18
C TYR A 211 -3.56 24.01 -15.73
N SER A 212 -2.58 23.42 -16.40
CA SER A 212 -1.38 24.15 -16.83
C SER A 212 -1.71 25.20 -17.89
N ILE A 213 -2.54 24.83 -18.86
CA ILE A 213 -2.90 25.76 -19.92
C ILE A 213 -3.65 26.97 -19.34
N ALA A 214 -4.56 26.72 -18.40
CA ALA A 214 -5.37 27.81 -17.84
C ALA A 214 -4.53 28.70 -16.93
N GLU A 215 -3.61 28.12 -16.17
CA GLU A 215 -2.74 28.91 -15.31
C GLU A 215 -1.79 29.77 -16.14
N ALA A 216 -1.20 29.17 -17.18
CA ALA A 216 -0.28 29.92 -18.03
C ALA A 216 -1.02 31.03 -18.76
N ALA A 217 -2.26 30.77 -19.16
CA ALA A 217 -3.03 31.77 -19.90
C ALA A 217 -3.44 32.93 -19.00
N PHE A 218 -3.89 32.65 -17.78
CA PHE A 218 -4.27 33.75 -16.91
C PHE A 218 -3.05 34.53 -16.44
N ASN A 219 -1.97 33.82 -16.12
CA ASN A 219 -0.79 34.49 -15.58
C ASN A 219 0.00 35.25 -16.64
N LYS A 220 -0.34 35.09 -17.93
CA LYS A 220 0.29 35.85 -19.00
C LYS A 220 -0.57 36.98 -19.54
N GLY A 221 -1.78 37.17 -19.00
CA GLY A 221 -2.63 38.26 -19.44
C GLY A 221 -3.57 37.94 -20.60
N GLU A 222 -3.72 36.66 -20.95
CA GLU A 222 -4.47 36.27 -22.16
C GLU A 222 -5.96 36.05 -21.91
N THR A 223 -6.34 35.71 -20.69
CA THR A 223 -7.74 35.52 -20.35
C THR A 223 -8.10 36.39 -19.16
N ALA A 224 -9.35 36.83 -19.09
CA ALA A 224 -9.76 37.79 -18.07
C ALA A 224 -10.10 37.13 -16.74
N MET A 225 -10.47 35.85 -16.75
CA MET A 225 -10.86 35.14 -15.54
C MET A 225 -10.30 33.74 -15.56
N THR A 226 -10.02 33.21 -14.37
CA THR A 226 -9.83 31.78 -14.18
C THR A 226 -10.55 31.38 -12.90
N ILE A 227 -10.51 30.09 -12.59
CA ILE A 227 -11.10 29.56 -11.37
C ILE A 227 -10.04 28.69 -10.72
N ASN A 228 -9.62 29.06 -9.52
CA ASN A 228 -8.57 28.32 -8.84
C ASN A 228 -8.68 28.61 -7.35
N GLY A 229 -7.87 27.89 -6.57
CA GLY A 229 -7.86 28.02 -5.12
C GLY A 229 -6.70 28.84 -4.59
N PRO A 230 -6.59 28.99 -3.26
CA PRO A 230 -5.55 29.85 -2.70
C PRO A 230 -4.12 29.36 -2.95
N TRP A 231 -3.95 28.10 -3.33
CA TRP A 231 -2.62 27.59 -3.64
C TRP A 231 -2.05 28.19 -4.92
N ALA A 232 -2.89 28.81 -5.75
CA ALA A 232 -2.44 29.36 -7.02
C ALA A 232 -1.98 30.80 -6.92
N TRP A 233 -2.21 31.46 -5.78
CA TRP A 233 -1.95 32.90 -5.69
C TRP A 233 -0.47 33.24 -5.80
N SER A 234 0.39 32.40 -5.20
CA SER A 234 1.84 32.63 -5.23
C SER A 234 2.33 32.87 -6.66
N ASN A 235 1.92 32.00 -7.58
CA ASN A 235 2.38 32.11 -8.97
C ASN A 235 1.86 33.35 -9.65
N ILE A 236 0.59 33.70 -9.42
CA ILE A 236 0.09 34.96 -9.97
C ILE A 236 0.85 36.13 -9.36
N ASP A 237 1.29 35.98 -8.11
CA ASP A 237 2.00 37.04 -7.42
C ASP A 237 3.39 37.33 -8.01
N THR A 238 3.99 36.38 -8.72
CA THR A 238 5.25 36.64 -9.40
C THR A 238 5.05 37.28 -10.78
N SER A 239 3.84 37.17 -11.36
CA SER A 239 3.52 37.65 -12.69
C SER A 239 3.16 39.14 -12.66
N ALA A 240 2.91 39.70 -13.84
CA ALA A 240 2.58 41.10 -13.99
C ALA A 240 1.08 41.40 -13.87
N VAL A 241 0.27 40.37 -13.63
CA VAL A 241 -1.17 40.52 -13.70
C VAL A 241 -1.70 41.20 -12.44
N ASN A 242 -2.46 42.28 -12.64
CA ASN A 242 -3.23 42.92 -11.57
C ASN A 242 -4.56 42.17 -11.43
N TYR A 243 -4.74 41.46 -10.32
CA TYR A 243 -5.84 40.52 -10.18
C TYR A 243 -6.58 40.69 -8.88
N GLY A 244 -7.84 40.22 -8.88
CA GLY A 244 -8.62 40.12 -7.67
C GLY A 244 -9.24 38.74 -7.55
N VAL A 245 -9.69 38.42 -6.34
CA VAL A 245 -10.32 37.14 -6.03
C VAL A 245 -11.69 37.40 -5.43
N THR A 246 -12.74 36.80 -5.99
CA THR A 246 -14.09 37.18 -5.61
C THR A 246 -15.02 35.97 -5.61
N VAL A 247 -16.27 36.22 -5.28
CA VAL A 247 -17.28 35.17 -5.23
C VAL A 247 -17.49 34.61 -6.63
N LEU A 248 -17.63 33.29 -6.72
CA LEU A 248 -17.93 32.65 -8.00
C LEU A 248 -19.23 33.22 -8.59
N PRO A 249 -19.38 33.18 -9.92
CA PRO A 249 -20.64 33.63 -10.51
C PRO A 249 -21.79 32.74 -10.07
N THR A 250 -22.99 33.29 -10.12
CA THR A 250 -24.21 32.53 -9.88
C THR A 250 -24.68 31.87 -11.18
N PHE A 251 -25.50 30.84 -11.03
CA PHE A 251 -26.12 30.14 -12.15
C PHE A 251 -27.58 29.92 -11.82
N LYS A 252 -28.46 30.43 -12.68
CA LYS A 252 -29.91 30.45 -12.40
C LYS A 252 -30.18 31.10 -11.04
N GLY A 253 -29.45 32.19 -10.77
CA GLY A 253 -29.59 32.92 -9.52
C GLY A 253 -29.13 32.16 -8.29
N GLN A 254 -28.59 30.94 -8.46
CA GLN A 254 -28.04 30.14 -7.38
CA GLN A 254 -28.04 30.14 -7.37
C GLN A 254 -26.53 30.32 -7.28
N PRO A 255 -25.97 30.28 -6.06
CA PRO A 255 -24.51 30.35 -5.93
C PRO A 255 -23.85 29.09 -6.49
N SER A 256 -22.71 29.29 -7.14
CA SER A 256 -21.85 28.12 -7.42
C SER A 256 -21.45 27.49 -6.09
N LYS A 257 -21.32 26.18 -6.08
CA LYS A 257 -21.11 25.42 -4.85
C LYS A 257 -19.82 24.63 -4.95
N PRO A 258 -18.67 25.29 -4.79
CA PRO A 258 -17.42 24.55 -4.81
C PRO A 258 -17.35 23.59 -3.64
N PHE A 259 -16.57 22.53 -3.81
CA PHE A 259 -16.24 21.69 -2.68
C PHE A 259 -15.40 22.47 -1.67
N VAL A 260 -15.55 22.12 -0.40
CA VAL A 260 -14.85 22.76 0.71
C VAL A 260 -13.95 21.72 1.35
N GLY A 261 -12.69 22.07 1.51
CA GLY A 261 -11.76 21.17 2.18
C GLY A 261 -11.35 21.85 3.47
N VAL A 262 -11.41 21.12 4.58
CA VAL A 262 -11.05 21.68 5.88
C VAL A 262 -9.80 20.94 6.34
N LEU A 263 -8.68 21.65 6.34
CA LEU A 263 -7.46 21.11 6.92
C LEU A 263 -7.70 20.89 8.41
N SER A 264 -7.50 19.65 8.88
CA SER A 264 -7.88 19.29 10.24
C SER A 264 -6.78 18.49 10.93
N ALA A 265 -6.75 18.61 12.25
CA ALA A 265 -5.85 17.83 13.10
C ALA A 265 -6.64 16.78 13.87
N GLY A 266 -6.28 15.51 13.68
CA GLY A 266 -6.91 14.41 14.39
C GLY A 266 -5.92 13.73 15.31
N ILE A 267 -6.45 13.07 16.35
CA ILE A 267 -5.62 12.43 17.37
C ILE A 267 -5.66 10.92 17.17
N ASN A 268 -4.47 10.33 17.06
CA ASN A 268 -4.33 8.88 16.85
C ASN A 268 -5.01 8.11 17.97
N ALA A 269 -5.80 7.10 17.60
CA ALA A 269 -6.47 6.26 18.58
C ALA A 269 -5.46 5.53 19.47
N ALA A 270 -4.33 5.14 18.88
CA ALA A 270 -3.26 4.40 19.56
C ALA A 270 -2.33 5.31 20.35
N SER A 271 -2.67 6.58 20.50
CA SER A 271 -1.80 7.54 21.17
C SER A 271 -2.00 7.48 22.70
N PRO A 272 -0.92 7.33 23.47
CA PRO A 272 -1.02 7.48 24.92
C PRO A 272 -1.06 8.95 25.38
N ASN A 273 -0.90 9.89 24.47
CA ASN A 273 -0.80 11.30 24.84
C ASN A 273 -1.99 12.10 24.36
N LYS A 274 -3.19 11.54 24.54
CA LYS A 274 -4.41 12.14 24.04
C LYS A 274 -4.68 13.51 24.70
N GLU A 275 -4.61 13.56 26.02
CA GLU A 275 -4.90 14.81 26.72
C GLU A 275 -3.83 15.87 26.47
N LEU A 276 -2.58 15.44 26.24
CA LEU A 276 -1.54 16.39 25.86
C LEU A 276 -1.79 16.95 24.47
N ALA A 277 -2.19 16.09 23.54
CA ALA A 277 -2.52 16.55 22.18
C ALA A 277 -3.70 17.51 22.20
N LYS A 278 -4.68 17.24 23.07
CA LYS A 278 -5.86 18.10 23.17
C LYS A 278 -5.49 19.50 23.66
N GLU A 279 -4.63 19.59 24.67
CA GLU A 279 -4.28 20.91 25.16
C GLU A 279 -3.33 21.65 24.21
N PHE A 280 -2.46 20.91 23.51
CA PHE A 280 -1.61 21.54 22.50
C PHE A 280 -2.44 22.13 21.37
N LEU A 281 -3.47 21.41 20.94
CA LEU A 281 -4.30 21.88 19.85
C LEU A 281 -5.21 23.02 20.31
N GLU A 282 -5.78 22.90 21.50
CA GLU A 282 -6.80 23.87 21.93
C GLU A 282 -6.17 25.17 22.43
N ASN A 283 -5.12 25.07 23.23
CA ASN A 283 -4.57 26.24 23.92
C ASN A 283 -3.36 26.84 23.22
N TYR A 284 -2.75 26.11 22.28
CA TYR A 284 -1.53 26.57 21.63
C TYR A 284 -1.68 26.77 20.13
N LEU A 285 -2.23 25.79 19.41
CA LEU A 285 -2.35 25.95 17.97
C LEU A 285 -3.54 26.85 17.61
N LEU A 286 -4.73 26.47 18.05
CA LEU A 286 -5.96 27.19 17.71
C LEU A 286 -6.11 28.46 18.53
N THR A 287 -5.08 29.29 18.43
CA THR A 287 -5.10 30.67 18.94
C THR A 287 -4.63 31.58 17.82
N ASP A 288 -4.81 32.90 18.01
CA ASP A 288 -4.27 33.86 17.07
C ASP A 288 -2.75 33.74 16.96
N GLU A 289 -2.07 33.65 18.11
CA GLU A 289 -0.62 33.47 18.11
C GLU A 289 -0.23 32.15 17.45
N GLY A 290 -1.02 31.11 17.67
CA GLY A 290 -0.70 29.80 17.09
C GLY A 290 -0.80 29.78 15.59
N LEU A 291 -1.95 30.19 15.06
CA LEU A 291 -2.15 30.13 13.60
C LEU A 291 -1.28 31.15 12.88
N GLU A 292 -0.98 32.27 13.54
CA GLU A 292 -0.04 33.24 12.99
C GLU A 292 1.32 32.60 12.71
N ALA A 293 1.86 31.87 13.70
CA ALA A 293 3.19 31.28 13.55
C ALA A 293 3.23 30.33 12.36
N VAL A 294 2.16 29.56 12.16
CA VAL A 294 2.06 28.69 11.01
C VAL A 294 1.91 29.53 9.74
N ASN A 295 0.99 30.49 9.78
CA ASN A 295 0.66 31.27 8.59
C ASN A 295 1.84 32.06 8.06
N LYS A 296 2.73 32.50 8.96
CA LYS A 296 3.91 33.27 8.55
C LYS A 296 4.89 32.39 7.77
N ASP A 297 5.01 31.12 8.15
CA ASP A 297 5.81 30.15 7.41
C ASP A 297 5.25 29.96 6.01
N LYS A 298 4.05 29.40 5.90
CA LYS A 298 3.32 29.29 4.65
C LYS A 298 1.86 29.59 4.95
N PRO A 299 1.20 30.41 4.11
CA PRO A 299 -0.14 30.90 4.45
C PRO A 299 -1.18 29.78 4.50
N LEU A 300 -2.00 29.79 5.54
CA LEU A 300 -3.06 28.80 5.71
C LEU A 300 -4.23 29.03 4.76
N GLY A 301 -4.38 30.25 4.28
CA GLY A 301 -5.58 30.64 3.55
C GLY A 301 -6.61 31.11 4.55
N ALA A 302 -7.87 30.75 4.32
CA ALA A 302 -8.89 31.00 5.33
C ALA A 302 -8.73 30.00 6.48
N VAL A 303 -9.25 30.39 7.64
CA VAL A 303 -8.98 29.70 8.88
C VAL A 303 -10.29 29.44 9.63
N ALA A 304 -10.36 28.32 10.33
CA ALA A 304 -11.56 27.93 11.08
C ALA A 304 -11.75 28.74 12.38
N LEU A 305 -10.68 29.33 12.92
CA LEU A 305 -10.79 30.10 14.16
C LEU A 305 -11.31 31.49 13.85
N LYS A 306 -12.51 31.80 14.33
CA LYS A 306 -13.18 33.05 13.96
C LYS A 306 -12.30 34.26 14.24
N SER A 307 -11.63 34.28 15.38
CA SER A 307 -10.93 35.50 15.79
C SER A 307 -9.78 35.82 14.83
N TYR A 308 -9.04 34.80 14.42
CA TYR A 308 -7.95 35.03 13.48
C TYR A 308 -8.46 35.23 12.05
N GLU A 309 -9.56 34.56 11.71
CA GLU A 309 -10.13 34.73 10.38
C GLU A 309 -10.66 36.14 10.16
N GLU A 310 -11.17 36.77 11.21
CA GLU A 310 -11.58 38.18 11.11
C GLU A 310 -10.37 39.06 10.79
N GLU A 311 -9.20 38.66 11.24
CA GLU A 311 -7.97 39.38 10.93
C GLU A 311 -7.53 39.13 9.49
N LEU A 312 -7.44 37.85 9.11
CA LEU A 312 -7.03 37.47 7.76
C LEU A 312 -7.96 38.04 6.69
N ALA A 313 -9.27 38.07 6.98
CA ALA A 313 -10.27 38.46 5.99
C ALA A 313 -10.14 39.92 5.56
N LYS A 314 -9.22 40.65 6.18
CA LYS A 314 -8.87 41.98 5.68
C LYS A 314 -8.20 41.87 4.31
N ASP A 315 -7.63 40.70 4.00
CA ASP A 315 -7.21 40.37 2.64
C ASP A 315 -8.47 39.95 1.87
N PRO A 316 -8.86 40.72 0.85
CA PRO A 316 -10.08 40.39 0.11
C PRO A 316 -10.03 38.99 -0.50
N ARG A 317 -8.85 38.48 -0.77
CA ARG A 317 -8.74 37.13 -1.31
C ARG A 317 -9.15 36.09 -0.26
N ILE A 318 -8.78 36.31 1.00
CA ILE A 318 -9.22 35.44 2.09
C ILE A 318 -10.74 35.54 2.27
N ALA A 319 -11.26 36.76 2.33
CA ALA A 319 -12.70 36.96 2.51
C ALA A 319 -13.50 36.22 1.43
N ALA A 320 -13.11 36.39 0.16
CA ALA A 320 -13.72 35.66 -0.94
C ALA A 320 -13.63 34.15 -0.76
N THR A 321 -12.48 33.67 -0.30
CA THR A 321 -12.33 32.22 -0.10
C THR A 321 -13.37 31.70 0.89
N MET A 322 -13.51 32.38 2.04
CA MET A 322 -14.47 31.95 3.05
C MET A 322 -15.90 32.11 2.55
N GLU A 323 -16.17 33.17 1.80
CA GLU A 323 -17.51 33.36 1.23
C GLU A 323 -17.90 32.22 0.29
N ASN A 324 -17.00 31.86 -0.65
CA ASN A 324 -17.30 30.72 -1.53
C ASN A 324 -17.38 29.43 -0.73
N ALA A 325 -16.55 29.32 0.31
CA ALA A 325 -16.60 28.14 1.15
C ALA A 325 -17.97 28.01 1.83
N GLN A 326 -18.52 29.12 2.32
CA GLN A 326 -19.79 29.03 3.03
C GLN A 326 -20.96 28.81 2.08
N LYS A 327 -20.81 29.24 0.82
CA LYS A 327 -21.79 28.88 -0.21
C LYS A 327 -21.56 27.49 -0.80
N GLY A 328 -20.53 26.78 -0.37
CA GLY A 328 -20.13 25.56 -1.03
C GLY A 328 -20.70 24.32 -0.38
N GLU A 329 -20.12 23.18 -0.77
CA GLU A 329 -20.56 21.86 -0.32
C GLU A 329 -19.35 21.23 0.36
N ILE A 330 -19.47 20.96 1.65
CA ILE A 330 -18.41 20.28 2.37
C ILE A 330 -18.13 18.96 1.68
N MET A 331 -16.86 18.70 1.38
CA MET A 331 -16.58 17.49 0.64
C MET A 331 -16.91 16.29 1.54
N PRO A 332 -17.70 15.32 1.05
CA PRO A 332 -18.02 14.15 1.89
C PRO A 332 -16.75 13.44 2.34
N ASN A 333 -16.77 12.97 3.58
CA ASN A 333 -15.60 12.37 4.21
C ASN A 333 -15.66 10.84 4.21
N ILE A 334 -16.09 10.22 3.11
CA ILE A 334 -16.22 8.76 3.07
C ILE A 334 -15.39 8.26 1.90
N PRO A 335 -14.87 7.02 1.97
CA PRO A 335 -14.06 6.48 0.86
C PRO A 335 -14.81 6.37 -0.46
N GLN A 336 -16.14 6.27 -0.44
CA GLN A 336 -16.91 6.12 -1.67
C GLN A 336 -16.89 7.36 -2.56
N MET A 337 -16.27 8.45 -2.11
CA MET A 337 -16.07 9.60 -3.00
C MET A 337 -15.26 9.22 -4.23
N SER A 338 -14.39 8.21 -4.13
CA SER A 338 -13.60 7.79 -5.29
C SER A 338 -14.50 7.27 -6.42
N ALA A 339 -15.54 6.53 -6.07
CA ALA A 339 -16.55 6.18 -7.06
C ALA A 339 -17.16 7.44 -7.70
N PHE A 340 -17.39 8.48 -6.89
CA PHE A 340 -18.01 9.69 -7.41
C PHE A 340 -17.07 10.38 -8.40
N TRP A 341 -15.79 10.55 -8.00
CA TRP A 341 -14.82 11.27 -8.83
C TRP A 341 -14.63 10.62 -10.18
N TYR A 342 -14.42 9.30 -10.19
CA TYR A 342 -14.18 8.63 -11.48
C TYR A 342 -15.40 8.77 -12.40
N ALA A 343 -16.60 8.59 -11.86
CA ALA A 343 -17.79 8.61 -12.70
C ALA A 343 -18.06 10.01 -13.25
N VAL A 344 -17.90 11.05 -12.42
CA VAL A 344 -18.14 12.41 -12.88
C VAL A 344 -17.03 12.90 -13.81
N ARG A 345 -15.79 12.52 -13.54
CA ARG A 345 -14.70 12.89 -14.46
C ARG A 345 -14.99 12.36 -15.87
N THR A 346 -15.35 11.08 -15.97
CA THR A 346 -15.71 10.49 -17.25
C THR A 346 -16.85 11.24 -17.92
N ALA A 347 -17.91 11.50 -17.16
CA ALA A 347 -19.09 12.13 -17.73
C ALA A 347 -18.78 13.53 -18.26
N VAL A 348 -18.03 14.33 -17.49
CA VAL A 348 -17.73 15.68 -17.96
C VAL A 348 -16.84 15.64 -19.21
N ILE A 349 -15.84 14.78 -19.22
CA ILE A 349 -14.99 14.64 -20.40
C ILE A 349 -15.81 14.20 -21.63
N ASN A 350 -16.72 13.25 -21.45
CA ASN A 350 -17.53 12.79 -22.58
C ASN A 350 -18.54 13.83 -23.04
N ALA A 351 -19.16 14.54 -22.09
CA ALA A 351 -20.09 15.59 -22.50
C ALA A 351 -19.38 16.73 -23.22
N ALA A 352 -18.11 16.97 -22.87
CA ALA A 352 -17.38 18.11 -23.44
C ALA A 352 -16.87 17.82 -24.86
N SER A 353 -16.43 16.57 -25.08
CA SER A 353 -15.93 16.10 -26.36
C SER A 353 -17.03 15.71 -27.35
N GLY A 354 -18.27 15.59 -26.89
CA GLY A 354 -19.35 15.13 -27.75
C GLY A 354 -19.52 13.63 -27.79
N ARG A 355 -18.68 12.88 -27.09
CA ARG A 355 -18.83 11.42 -27.01
C ARG A 355 -20.17 11.00 -26.37
N GLN A 356 -20.71 11.82 -25.48
CA GLN A 356 -22.07 11.59 -24.97
C GLN A 356 -22.81 12.90 -24.88
N THR A 357 -24.13 12.85 -24.98
CA THR A 357 -24.92 14.01 -24.61
C THR A 357 -24.78 14.23 -23.10
N VAL A 358 -25.19 15.41 -22.63
CA VAL A 358 -25.21 15.68 -21.19
C VAL A 358 -26.11 14.67 -20.47
N ASP A 359 -27.27 14.40 -21.03
CA ASP A 359 -28.22 13.45 -20.43
C ASP A 359 -27.60 12.06 -20.32
N ALA A 360 -27.07 11.56 -21.42
CA ALA A 360 -26.45 10.22 -21.42
C ALA A 360 -25.25 10.19 -20.48
N ALA A 361 -24.43 11.25 -20.49
CA ALA A 361 -23.23 11.26 -19.66
C ALA A 361 -23.59 11.19 -18.17
N LEU A 362 -24.54 12.00 -17.75
CA LEU A 362 -24.88 12.06 -16.32
C LEU A 362 -25.67 10.83 -15.88
N ALA A 363 -26.50 10.28 -16.77
CA ALA A 363 -27.27 9.07 -16.43
C ALA A 363 -26.33 7.92 -16.12
N ALA A 364 -25.32 7.71 -16.96
CA ALA A 364 -24.36 6.65 -16.71
C ALA A 364 -23.52 6.95 -15.47
N ALA A 365 -23.16 8.20 -15.24
CA ALA A 365 -22.35 8.51 -14.05
C ALA A 365 -23.14 8.19 -12.79
N GLN A 366 -24.41 8.58 -12.75
CA GLN A 366 -25.28 8.27 -11.62
C GLN A 366 -25.30 6.77 -11.31
N THR A 367 -25.61 5.94 -12.30
CA THR A 367 -25.74 4.50 -12.05
CA THR A 367 -25.75 4.51 -12.06
C THR A 367 -24.39 3.85 -11.79
N ASN A 368 -23.34 4.32 -12.46
CA ASN A 368 -22.01 3.73 -12.26
C ASN A 368 -21.43 4.11 -10.90
N ALA A 369 -21.64 5.35 -10.45
CA ALA A 369 -21.12 5.73 -9.13
C ALA A 369 -21.86 4.99 -8.01
N ALA A 370 -23.18 4.84 -8.14
CA ALA A 370 -23.93 4.10 -7.12
C ALA A 370 -23.52 2.63 -7.10
N ARG A 371 -23.36 2.02 -8.28
CA ARG A 371 -22.93 0.62 -8.34
C ARG A 371 -21.54 0.46 -7.72
N ALA A 372 -20.61 1.35 -8.08
CA ALA A 372 -19.24 1.26 -7.56
C ALA A 372 -19.21 1.51 -6.05
N ALA A 373 -20.01 2.46 -5.57
CA ALA A 373 -20.09 2.72 -4.13
C ALA A 373 -20.63 1.50 -3.38
N ALA A 374 -21.67 0.86 -3.93
CA ALA A 374 -22.19 -0.38 -3.34
C ALA A 374 -21.13 -1.48 -3.29
N MET A 375 -20.48 -1.77 -4.42
CA MET A 375 -19.48 -2.84 -4.44
C MET A 375 -18.36 -2.57 -3.44
N SER A 376 -18.00 -1.29 -3.29
CA SER A 376 -17.00 -0.91 -2.30
C SER A 376 -17.40 -1.39 -0.89
N VAL A 377 -18.67 -1.22 -0.53
CA VAL A 377 -19.14 -1.72 0.75
C VAL A 377 -19.05 -3.24 0.82
N ALA A 378 -19.47 -3.92 -0.26
CA ALA A 378 -19.47 -5.39 -0.27
C ALA A 378 -18.05 -5.93 -0.10
N LEU A 379 -17.09 -5.32 -0.80
CA LEU A 379 -15.69 -5.75 -0.68
C LEU A 379 -15.16 -5.53 0.73
N ALA A 380 -15.55 -4.41 1.36
CA ALA A 380 -15.02 -4.10 2.69
C ALA A 380 -15.53 -5.11 3.73
N SER A 381 -16.78 -5.56 3.58
CA SER A 381 -17.29 -6.59 4.48
C SER A 381 -16.74 -7.97 4.14
N GLU A 382 -16.52 -8.25 2.85
CA GLU A 382 -15.92 -9.51 2.47
CA GLU A 382 -15.91 -9.51 2.45
C GLU A 382 -14.50 -9.63 3.03
N TYR A 383 -13.78 -8.52 3.08
CA TYR A 383 -12.41 -8.54 3.59
C TYR A 383 -12.36 -8.98 5.05
N GLN A 384 -13.32 -8.55 5.85
CA GLN A 384 -13.35 -8.98 7.24
C GLN A 384 -13.51 -10.50 7.34
N LEU A 385 -14.22 -11.10 6.38
CA LEU A 385 -14.36 -12.55 6.42
C LEU A 385 -13.04 -13.27 6.09
N VAL A 386 -12.25 -12.74 5.16
CA VAL A 386 -10.99 -13.42 4.87
C VAL A 386 -10.01 -13.22 6.03
N GLN A 387 -10.03 -12.05 6.67
CA GLN A 387 -9.13 -11.84 7.80
C GLN A 387 -9.42 -12.80 8.94
N ASN A 388 -10.70 -13.15 9.11
CA ASN A 388 -11.12 -14.00 10.22
C ASN A 388 -11.33 -15.45 9.83
N ALA A 389 -10.95 -15.84 8.61
CA ALA A 389 -11.24 -17.19 8.14
C ALA A 389 -10.39 -18.21 8.89
N GLN A 390 -10.91 -19.43 9.01
CA GLN A 390 -10.24 -20.48 9.76
C GLN A 390 -9.85 -21.65 8.85
N LEU A 391 -8.73 -22.28 9.18
CA LEU A 391 -8.33 -23.48 8.47
C LEU A 391 -9.36 -24.59 8.66
N PRO A 392 -9.53 -25.45 7.65
CA PRO A 392 -10.32 -26.68 7.85
C PRO A 392 -9.89 -27.36 9.15
N GLN A 393 -10.87 -27.71 9.99
CA GLN A 393 -10.56 -28.19 11.33
C GLN A 393 -10.05 -29.62 11.29
N ARG A 394 -8.78 -29.79 11.62
CA ARG A 394 -8.24 -31.11 11.91
C ARG A 394 -7.91 -31.29 13.39
N TRP A 395 -7.99 -30.21 14.16
CA TRP A 395 -7.64 -30.27 15.58
C TRP A 395 -8.79 -30.84 16.41
N SER A 396 -8.44 -31.71 17.35
CA SER A 396 -9.33 -32.13 18.43
C SER A 396 -8.45 -32.67 19.53
N GLN A 397 -9.01 -32.77 20.74
CA GLN A 397 -8.26 -33.34 21.85
C GLN A 397 -7.82 -34.77 21.54
N SER A 398 -8.71 -35.54 20.92
CA SER A 398 -8.36 -36.89 20.50
C SER A 398 -7.22 -36.87 19.47
N ALA A 399 -7.29 -35.95 18.52
CA ALA A 399 -6.27 -35.92 17.45
C ALA A 399 -4.96 -35.36 17.97
N ARG A 400 -5.03 -34.35 18.84
CA ARG A 400 -3.87 -33.84 19.55
C ARG A 400 -3.05 -34.97 20.19
N LYS A 401 -3.71 -35.83 20.95
CA LYS A 401 -3.01 -36.86 21.71
C LYS A 401 -2.41 -37.92 20.80
N SER A 402 -3.16 -38.40 19.81
CA SER A 402 -2.64 -39.35 18.82
C SER A 402 -1.38 -38.80 18.16
N LEU A 403 -1.43 -37.53 17.76
CA LEU A 403 -0.29 -36.94 17.07
C LEU A 403 0.90 -36.79 18.03
N ALA A 404 0.63 -36.41 19.27
CA ALA A 404 1.71 -36.29 20.26
C ALA A 404 2.46 -37.61 20.40
N ILE A 405 1.73 -38.73 20.35
CA ILE A 405 2.35 -40.04 20.53
C ILE A 405 3.19 -40.40 19.31
N LEU A 406 2.66 -40.12 18.12
CA LEU A 406 3.44 -40.31 16.89
C LEU A 406 4.71 -39.45 16.92
N GLU A 407 4.56 -38.19 17.30
CA GLU A 407 5.71 -37.30 17.39
C GLU A 407 6.70 -37.80 18.43
N ALA A 408 6.20 -38.30 19.55
CA ALA A 408 7.09 -38.82 20.59
C ALA A 408 7.84 -40.06 20.11
N THR A 409 7.18 -40.93 19.34
CA THR A 409 7.86 -42.09 18.79
C THR A 409 8.97 -41.65 17.84
N ALA A 410 8.68 -40.65 17.00
CA ALA A 410 9.65 -40.20 16.02
C ALA A 410 10.87 -39.55 16.68
N ARG A 411 10.66 -38.85 17.80
CA ARG A 411 11.80 -38.28 18.52
C ARG A 411 12.76 -39.37 19.02
N LYS A 412 12.21 -40.50 19.44
CA LYS A 412 13.08 -41.60 19.85
C LYS A 412 13.81 -42.22 18.64
N GLU A 413 13.11 -42.42 17.54
CA GLU A 413 13.78 -42.91 16.31
C GLU A 413 14.92 -41.98 15.92
N ALA A 414 14.64 -40.68 15.85
CA ALA A 414 15.67 -39.70 15.48
C ALA A 414 16.86 -39.76 16.43
N THR A 415 16.58 -39.84 17.73
CA THR A 415 17.66 -39.95 18.70
C THR A 415 18.46 -41.24 18.50
N ALA A 416 17.76 -42.34 18.21
CA ALA A 416 18.43 -43.62 17.99
C ALA A 416 19.37 -43.53 16.77
N GLN A 417 18.87 -43.03 15.65
CA GLN A 417 19.73 -42.98 14.48
C GLN A 417 20.72 -41.83 14.55
N MET A 418 20.54 -40.88 15.48
CA MET A 418 21.59 -39.90 15.77
C MET A 418 22.75 -40.56 16.51
N GLU A 419 22.45 -41.38 17.51
CA GLU A 419 23.50 -42.12 18.21
C GLU A 419 24.19 -43.11 17.27
N ALA A 420 23.39 -43.82 16.46
CA ALA A 420 23.95 -44.79 15.51
C ALA A 420 24.91 -44.14 14.52
N ALA A 421 24.64 -42.90 14.13
CA ALA A 421 25.44 -42.23 13.10
C ALA A 421 26.55 -41.37 13.68
N GLY A 422 26.57 -41.14 14.99
CA GLY A 422 27.58 -40.29 15.59
C GLY A 422 27.27 -38.81 15.61
N GLY A 423 26.06 -38.42 15.23
CA GLY A 423 25.70 -37.02 15.29
C GLY A 423 24.49 -36.75 14.42
N SER A 424 24.13 -35.47 14.36
CA SER A 424 23.04 -34.98 13.52
C SER A 424 23.59 -34.48 12.19
N PHE A 425 22.87 -34.76 11.11
CA PHE A 425 23.24 -34.31 9.79
C PHE A 425 22.05 -33.71 9.04
N CYS A 426 22.33 -32.69 8.24
CA CYS A 426 21.39 -32.21 7.22
C CYS A 426 22.10 -32.45 5.89
N GLY A 427 21.65 -33.48 5.17
CA GLY A 427 22.39 -33.96 4.00
C GLY A 427 23.70 -34.57 4.49
N GLN A 428 24.81 -34.07 3.95
CA GLN A 428 26.13 -34.43 4.46
C GLN A 428 26.66 -33.45 5.50
N PHE A 429 25.96 -32.33 5.75
CA PHE A 429 26.47 -31.29 6.65
C PHE A 429 26.27 -31.68 8.12
N PRO A 430 27.34 -31.68 8.94
CA PRO A 430 27.17 -31.99 10.37
C PRO A 430 26.47 -30.84 11.08
N VAL A 431 25.40 -31.16 11.81
CA VAL A 431 24.59 -30.15 12.48
C VAL A 431 24.85 -30.22 13.98
N ASP A 432 25.33 -29.12 14.56
CA ASP A 432 25.54 -29.02 16.00
C ASP A 432 25.03 -27.66 16.51
N PRO A 433 23.86 -27.64 17.18
CA PRO A 433 23.30 -26.37 17.69
C PRO A 433 24.18 -25.65 18.72
N ALA A 434 25.23 -26.30 19.23
CA ALA A 434 26.13 -25.58 20.13
C ALA A 434 26.93 -24.50 19.42
N PHE A 435 26.98 -24.54 18.09
CA PHE A 435 27.83 -23.64 17.32
C PHE A 435 27.03 -22.86 16.28
N LYS A 436 27.49 -21.65 16.00
CA LYS A 436 26.93 -20.82 14.97
C LYS A 436 27.84 -20.92 13.75
N VAL A 437 27.25 -21.20 12.58
CA VAL A 437 28.05 -21.47 11.39
C VAL A 437 28.36 -20.15 10.70
N LEU A 438 29.56 -19.63 10.94
CA LEU A 438 29.92 -18.35 10.33
C LEU A 438 30.41 -18.51 8.90
N SER A 439 31.09 -19.61 8.61
CA SER A 439 31.38 -19.91 7.21
C SER A 439 31.37 -21.41 7.02
N LEU A 440 31.29 -21.84 5.77
CA LEU A 440 31.13 -23.26 5.50
C LEU A 440 31.56 -23.59 4.08
N GLU A 441 31.92 -24.85 3.90
CA GLU A 441 32.45 -25.35 2.65
C GLU A 441 31.39 -26.18 1.92
N TYR A 442 31.40 -26.04 0.61
CA TYR A 442 30.54 -26.81 -0.29
C TYR A 442 31.42 -27.60 -1.24
N SER A 443 30.98 -28.79 -1.60
CA SER A 443 31.71 -29.56 -2.60
C SER A 443 30.79 -29.83 -3.79
N ALA A 444 31.38 -29.87 -4.98
CA ALA A 444 30.66 -30.16 -6.22
C ALA A 444 31.33 -31.35 -6.88
N PRO A 445 31.03 -32.56 -6.45
CA PRO A 445 31.75 -33.71 -7.00
C PRO A 445 31.24 -34.15 -8.38
N ASN A 446 29.96 -33.89 -8.66
CA ASN A 446 29.30 -34.25 -9.90
C ASN A 446 28.47 -33.05 -10.39
N PRO A 447 27.80 -33.13 -11.56
CA PRO A 447 27.05 -31.98 -12.06
C PRO A 447 25.72 -31.69 -11.36
N ASP A 448 25.37 -32.44 -10.31
CA ASP A 448 24.22 -32.07 -9.48
C ASP A 448 24.57 -30.85 -8.62
N ILE A 449 23.67 -30.45 -7.74
CA ILE A 449 23.91 -29.25 -6.91
C ILE A 449 25.09 -29.46 -5.97
N ALA A 450 25.83 -28.39 -5.70
CA ALA A 450 26.89 -28.44 -4.71
C ALA A 450 26.30 -28.79 -3.33
N ARG A 451 27.07 -29.54 -2.55
CA ARG A 451 26.61 -30.12 -1.29
C ARG A 451 27.35 -29.44 -0.13
N ALA A 452 26.61 -29.00 0.88
CA ALA A 452 27.24 -28.42 2.08
C ALA A 452 27.94 -29.52 2.87
N ILE A 453 29.23 -29.38 3.11
CA ILE A 453 29.94 -30.52 3.69
C ILE A 453 30.61 -30.22 5.04
N ARG A 454 31.04 -28.98 5.27
CA ARG A 454 31.92 -28.76 6.42
C ARG A 454 31.72 -27.38 7.02
N ARG A 455 31.58 -27.33 8.34
CA ARG A 455 31.60 -26.07 9.07
CA ARG A 455 31.60 -26.07 9.05
C ARG A 455 33.03 -25.56 9.13
N VAL A 456 33.26 -24.33 8.72
CA VAL A 456 34.62 -23.79 8.71
C VAL A 456 34.85 -22.87 9.91
N ASP A 457 34.33 -21.65 9.85
CA ASP A 457 34.42 -20.73 10.99
C ASP A 457 33.15 -20.79 11.83
N SER A 458 33.29 -20.63 13.14
CA SER A 458 32.17 -20.69 14.04
C SER A 458 32.42 -19.84 15.29
N VAL A 459 31.35 -19.60 16.04
CA VAL A 459 31.40 -19.12 17.40
C VAL A 459 30.38 -19.93 18.21
N PRO A 460 30.42 -19.87 19.55
CA PRO A 460 29.36 -20.50 20.33
C PRO A 460 28.03 -19.89 19.94
N ASN A 461 27.01 -20.73 19.86
CA ASN A 461 25.71 -20.31 19.37
C ASN A 461 25.00 -19.43 20.41
N PRO A 462 24.67 -18.17 20.07
CA PRO A 462 23.98 -17.32 21.03
C PRO A 462 22.64 -17.90 21.46
N PRO A 463 22.20 -17.59 22.68
CA PRO A 463 20.92 -18.11 23.14
C PRO A 463 19.76 -17.40 22.47
N LEU A 464 18.60 -18.04 22.50
CA LEU A 464 17.39 -17.41 22.02
C LEU A 464 17.15 -16.11 22.78
N PRO A 465 16.67 -15.05 22.11
CA PRO A 465 16.24 -13.87 22.86
C PRO A 465 15.07 -14.23 23.77
N SER A 466 14.80 -13.37 24.74
CA SER A 466 13.83 -13.72 25.78
C SER A 466 12.40 -13.88 25.28
N HIS A 467 12.05 -13.23 24.17
CA HIS A 467 10.68 -13.31 23.68
C HIS A 467 10.39 -14.53 22.80
N VAL A 468 11.36 -15.43 22.62
CA VAL A 468 11.21 -16.61 21.76
C VAL A 468 11.52 -17.83 22.62
N VAL A 469 10.59 -18.79 22.66
CA VAL A 469 10.78 -19.99 23.49
C VAL A 469 10.50 -21.23 22.66
N ALA A 470 11.44 -22.17 22.68
CA ALA A 470 11.24 -23.45 22.02
C ALA A 470 10.19 -24.25 22.76
N ILE A 471 9.29 -24.87 22.02
CA ILE A 471 8.28 -25.71 22.63
C ILE A 471 8.89 -27.08 22.90
N GLN A 472 8.80 -27.53 24.15
CA GLN A 472 9.34 -28.83 24.55
C GLN A 472 8.33 -29.96 24.45
N SER A 473 7.05 -29.65 24.64
CA SER A 473 6.03 -30.67 24.81
C SER A 473 5.53 -31.18 23.45
N THR A 474 5.46 -32.51 23.30
CA THR A 474 4.82 -33.08 22.13
C THR A 474 3.33 -32.74 22.08
N ALA A 475 2.71 -32.52 23.24
CA ALA A 475 1.30 -32.13 23.30
C ALA A 475 1.09 -30.75 22.69
N VAL A 476 1.92 -29.79 23.10
CA VAL A 476 1.84 -28.44 22.57
C VAL A 476 2.22 -28.42 21.09
N ASP A 477 3.24 -29.20 20.73
CA ASP A 477 3.64 -29.30 19.33
C ASP A 477 2.47 -29.79 18.47
N ALA A 478 1.70 -30.75 18.98
CA ALA A 478 0.58 -31.30 18.21
C ALA A 478 -0.60 -30.33 18.16
N ASP A 479 -0.84 -29.62 19.26
CA ASP A 479 -1.84 -28.54 19.29
C ASP A 479 -1.61 -27.58 18.12
N LEU A 480 -0.42 -27.00 18.08
CA LEU A 480 -0.13 -25.99 17.08
C LEU A 480 -0.08 -26.59 15.69
N SER A 481 0.42 -27.81 15.57
CA SER A 481 0.54 -28.43 14.25
C SER A 481 -0.84 -28.63 13.62
N LEU A 482 -1.79 -29.13 14.41
CA LEU A 482 -3.15 -29.36 13.90
C LEU A 482 -3.93 -28.06 13.72
N ALA A 483 -3.78 -27.11 14.63
CA ALA A 483 -4.55 -25.88 14.53
C ALA A 483 -4.02 -24.92 13.47
N MET A 484 -2.74 -25.06 13.10
CA MET A 484 -2.10 -24.07 12.22
C MET A 484 -1.80 -24.58 10.85
N GLY A 485 -2.08 -25.85 10.56
CA GLY A 485 -1.79 -26.38 9.22
C GLY A 485 -0.30 -26.49 8.95
N VAL A 486 0.47 -26.98 9.92
CA VAL A 486 1.91 -27.17 9.77
C VAL A 486 2.24 -28.62 10.11
N SER A 487 2.95 -29.32 9.24
CA SER A 487 3.32 -30.70 9.52
C SER A 487 4.78 -30.91 9.16
N LEU A 488 5.66 -30.58 10.08
CA LEU A 488 7.09 -30.71 9.82
C LEU A 488 7.55 -32.13 10.03
N THR A 489 8.76 -32.43 9.57
CA THR A 489 9.33 -33.77 9.62
C THR A 489 9.22 -34.32 11.03
N PRO A 490 8.46 -35.41 11.23
CA PRO A 490 8.19 -35.91 12.57
C PRO A 490 9.47 -36.19 13.37
N GLY A 491 9.53 -35.67 14.59
CA GLY A 491 10.69 -35.92 15.44
C GLY A 491 11.99 -35.21 15.06
N ARG A 492 11.98 -34.38 14.00
CA ARG A 492 13.20 -33.74 13.49
C ARG A 492 12.98 -32.25 13.24
N HIS A 493 12.19 -31.61 14.09
CA HIS A 493 11.90 -30.20 13.94
C HIS A 493 11.80 -29.56 15.33
N THR A 494 11.83 -28.23 15.36
CA THR A 494 11.62 -27.48 16.60
C THR A 494 10.56 -26.42 16.33
N SER A 495 9.61 -26.32 17.25
CA SER A 495 8.58 -25.28 17.19
C SER A 495 8.89 -24.20 18.23
N TYR A 496 8.58 -22.96 17.90
CA TYR A 496 8.83 -21.84 18.79
C TYR A 496 7.58 -20.98 18.92
N LEU A 497 7.40 -20.41 20.11
CA LEU A 497 6.39 -19.39 20.35
C LEU A 497 7.08 -18.06 20.58
N VAL A 498 6.59 -17.02 19.88
CA VAL A 498 7.18 -15.69 19.92
C VAL A 498 6.11 -14.70 20.33
N ASP A 499 6.35 -13.98 21.43
CA ASP A 499 5.40 -12.99 21.91
C ASP A 499 5.22 -11.88 20.87
N ALA A 500 3.97 -11.59 20.52
CA ALA A 500 3.66 -10.68 19.42
C ALA A 500 4.10 -9.25 19.70
N ARG A 501 3.96 -8.81 20.94
CA ARG A 501 4.32 -7.44 21.32
C ARG A 501 5.82 -7.26 21.18
N ALA A 502 6.60 -8.18 21.73
CA ALA A 502 8.06 -8.09 21.60
C ALA A 502 8.50 -8.27 20.16
N LEU A 503 7.79 -9.11 19.40
CA LEU A 503 8.11 -9.27 17.99
C LEU A 503 8.02 -7.92 17.27
N GLN A 504 6.97 -7.16 17.54
CA GLN A 504 6.80 -5.85 16.89
C GLN A 504 7.90 -4.86 17.29
N GLN A 505 8.24 -4.80 18.58
CA GLN A 505 9.34 -3.92 19.04
C GLN A 505 10.66 -4.29 18.36
N SER A 506 10.95 -5.59 18.29
CA SER A 506 12.19 -6.03 17.66
C SER A 506 12.21 -5.72 16.17
N ASN A 507 11.04 -5.83 15.52
CA ASN A 507 10.91 -5.38 14.14
C ASN A 507 11.36 -3.92 14.01
N SER A 508 10.92 -3.08 14.94
CA SER A 508 11.24 -1.66 14.91
C SER A 508 12.72 -1.40 15.18
N ALA A 509 13.26 -2.09 16.19
CA ALA A 509 14.68 -2.00 16.48
C ALA A 509 15.53 -2.39 15.27
N ALA A 510 15.10 -3.39 14.52
CA ALA A 510 15.89 -3.81 13.37
C ALA A 510 15.88 -2.75 12.26
N VAL A 511 14.72 -2.13 12.02
CA VAL A 511 14.67 -1.10 10.99
C VAL A 511 15.48 0.12 11.42
N ALA A 512 15.39 0.47 12.69
CA ALA A 512 16.21 1.54 13.24
C ALA A 512 17.69 1.28 12.98
N ALA A 513 18.14 0.05 13.24
CA ALA A 513 19.55 -0.29 13.03
C ALA A 513 19.95 -0.13 11.58
N ARG A 514 19.11 -0.60 10.66
CA ARG A 514 19.44 -0.50 9.23
C ARG A 514 19.54 0.95 8.80
N LYS A 515 18.62 1.78 9.27
CA LYS A 515 18.67 3.21 8.97
C LYS A 515 19.89 3.87 9.60
N ALA A 516 20.21 3.51 10.84
CA ALA A 516 21.38 4.10 11.51
C ALA A 516 22.66 3.71 10.78
N ASP A 517 22.66 2.56 10.11
CA ASP A 517 23.84 2.11 9.38
C ASP A 517 23.98 2.76 8.01
N GLY A 518 23.00 3.55 7.58
CA GLY A 518 22.98 4.09 6.23
C GLY A 518 22.39 3.15 5.20
N ASP A 519 21.30 2.47 5.55
CA ASP A 519 20.62 1.54 4.65
C ASP A 519 21.58 0.51 4.08
N LYS A 520 22.17 -0.26 5.00
CA LYS A 520 23.27 -1.16 4.68
C LYS A 520 23.54 -2.01 5.90
N TRP A 521 24.17 -3.16 5.69
CA TRP A 521 24.75 -3.92 6.78
C TRP A 521 25.98 -3.19 7.30
N GLY A 522 25.79 -2.43 8.37
CA GLY A 522 26.91 -1.81 9.07
C GLY A 522 26.96 -2.29 10.51
N PRO A 523 27.62 -1.51 11.38
CA PRO A 523 27.85 -2.00 12.75
C PRO A 523 26.58 -2.23 13.58
N ALA A 524 25.54 -1.41 13.41
CA ALA A 524 24.30 -1.62 14.16
C ALA A 524 23.61 -2.93 13.76
N CYS A 525 23.55 -3.21 12.46
CA CYS A 525 22.99 -4.48 12.01
C CYS A 525 23.86 -5.65 12.48
N ASP A 526 25.18 -5.45 12.46
CA ASP A 526 26.08 -6.50 12.91
C ASP A 526 25.86 -6.81 14.39
N GLU A 527 25.65 -5.77 15.21
CA GLU A 527 25.41 -5.99 16.62
C GLU A 527 24.17 -6.86 16.83
N MET A 528 23.09 -6.58 16.10
CA MET A 528 21.91 -7.45 16.13
C MET A 528 22.26 -8.88 15.70
N PHE A 529 22.98 -9.02 14.59
CA PHE A 529 23.31 -10.34 14.09
C PHE A 529 24.09 -11.15 15.13
N ARG A 530 24.95 -10.49 15.91
CA ARG A 530 25.74 -11.20 16.93
C ARG A 530 24.86 -11.79 18.04
N GLY A 531 23.64 -11.30 18.16
CA GLY A 531 22.69 -11.87 19.09
C GLY A 531 21.75 -12.90 18.50
N CYS A 532 21.86 -13.18 17.20
CA CYS A 532 20.94 -14.13 16.59
C CYS A 532 21.44 -15.54 16.78
N ARG A 533 20.53 -16.43 17.15
CA ARG A 533 20.83 -17.84 17.29
C ARG A 533 20.79 -18.52 15.91
N CYS A 534 21.85 -19.25 15.60
CA CYS A 534 21.94 -20.01 14.35
C CYS A 534 21.03 -21.24 14.39
N VAL A 535 20.27 -21.48 13.32
CA VAL A 535 19.43 -22.67 13.18
C VAL A 535 19.78 -23.39 11.87
N THR A 536 21.00 -23.19 11.40
CA THR A 536 21.50 -23.84 10.19
C THR A 536 21.27 -25.35 10.29
N GLY A 537 20.74 -25.92 9.20
CA GLY A 537 20.51 -27.34 9.14
C GLY A 537 19.25 -27.80 9.81
N GLN A 538 18.52 -26.91 10.46
CA GLN A 538 17.34 -27.26 11.23
C GLN A 538 16.08 -27.06 10.43
N GLU A 539 15.03 -27.76 10.82
CA GLU A 539 13.69 -27.52 10.32
C GLU A 539 12.90 -26.95 11.49
N VAL A 540 12.38 -25.73 11.33
CA VAL A 540 11.78 -25.00 12.45
C VAL A 540 10.51 -24.29 11.99
N VAL A 541 9.63 -24.01 12.95
CA VAL A 541 8.45 -23.17 12.71
C VAL A 541 8.27 -22.21 13.88
N PHE A 542 7.98 -20.94 13.57
CA PHE A 542 7.75 -19.89 14.55
C PHE A 542 6.30 -19.48 14.50
N TYR A 543 5.61 -19.62 15.63
CA TYR A 543 4.26 -19.13 15.80
C TYR A 543 4.34 -17.89 16.68
N THR A 544 3.62 -16.84 16.31
CA THR A 544 3.49 -15.71 17.22
C THR A 544 2.19 -15.83 18.00
N ALA A 545 2.21 -15.37 19.26
CA ALA A 545 1.05 -15.45 20.14
C ALA A 545 0.62 -14.04 20.50
N VAL A 546 -0.57 -13.65 20.04
CA VAL A 546 -1.14 -12.34 20.33
C VAL A 546 -2.07 -12.47 21.54
N LYS A 547 -1.86 -11.61 22.54
CA LYS A 547 -2.71 -11.57 23.73
C LYS A 547 -4.00 -10.82 23.43
N GLU A 548 -5.10 -11.33 23.99
CA GLU A 548 -6.41 -10.72 23.79
C GLU A 548 -6.46 -9.33 24.43
N PRO A 549 -6.75 -8.27 23.66
CA PRO A 549 -6.88 -6.94 24.27
C PRO A 549 -7.89 -6.93 25.42
N ALA A 550 -7.38 -6.86 26.65
CA ALA A 550 -8.19 -7.05 27.85
C ALA A 550 -9.20 -5.92 28.09
N SER A 559 -2.03 -2.98 17.55
CA SER A 559 -1.09 -4.03 17.19
C SER A 559 -0.96 -4.25 15.69
N LEU A 560 0.16 -4.87 15.32
CA LEU A 560 0.42 -5.25 13.95
C LEU A 560 -0.53 -6.34 13.47
N PHE A 561 -0.97 -7.19 14.41
CA PHE A 561 -1.72 -8.41 14.10
C PHE A 561 -3.18 -8.26 14.47
N LYS A 562 -4.06 -8.80 13.64
CA LYS A 562 -5.51 -8.58 13.78
C LYS A 562 -6.32 -9.87 13.92
N PRO A 563 -6.05 -10.68 14.95
CA PRO A 563 -6.88 -11.88 15.15
C PRO A 563 -8.27 -11.49 15.61
N SER A 564 -9.24 -12.35 15.30
CA SER A 564 -10.61 -12.17 15.75
C SER A 564 -10.84 -13.04 17.00
N PHE A 565 -10.87 -12.39 18.16
CA PHE A 565 -11.10 -13.09 19.41
C PHE A 565 -12.56 -13.48 19.63
N ASP A 566 -13.42 -13.20 18.66
CA ASP A 566 -14.77 -13.75 18.61
C ASP A 566 -14.83 -15.09 17.88
N GLY A 567 -13.72 -15.51 17.28
CA GLY A 567 -13.69 -16.75 16.54
C GLY A 567 -13.79 -17.99 17.42
N PRO A 568 -13.92 -19.14 16.80
CA PRO A 568 -13.97 -20.38 17.56
C PRO A 568 -12.66 -20.63 18.32
N ALA A 569 -12.79 -21.14 19.55
CA ALA A 569 -11.67 -21.32 20.44
C ALA A 569 -11.39 -22.80 20.66
N PHE A 570 -10.11 -23.17 20.64
CA PHE A 570 -9.70 -24.50 21.08
C PHE A 570 -9.14 -24.44 22.50
N ARG A 571 -9.14 -25.59 23.16
CA ARG A 571 -8.62 -25.69 24.52
C ARG A 571 -7.19 -26.20 24.45
N PRO A 572 -6.20 -25.37 24.81
CA PRO A 572 -4.80 -25.81 24.65
C PRO A 572 -4.39 -26.77 25.74
N SER A 573 -3.43 -27.64 25.44
CA SER A 573 -2.85 -28.43 26.52
C SER A 573 -2.05 -27.54 27.46
N TRP A 574 -1.45 -26.47 26.92
CA TRP A 574 -0.61 -25.57 27.68
C TRP A 574 -1.41 -24.34 28.09
N GLY A 575 -1.58 -24.15 29.40
CA GLY A 575 -2.43 -23.09 29.92
C GLY A 575 -1.99 -21.70 29.50
N GLU A 576 -0.69 -21.53 29.26
CA GLU A 576 -0.17 -20.21 28.90
C GLU A 576 -0.66 -19.71 27.54
N LEU A 577 -1.18 -20.59 26.70
CA LEU A 577 -1.79 -20.16 25.45
C LEU A 577 -3.17 -19.54 25.65
N SER A 578 -3.77 -19.73 26.83
CA SER A 578 -5.14 -19.28 27.07
C SER A 578 -5.23 -17.77 26.97
N GLY A 579 -6.27 -17.29 26.31
CA GLY A 579 -6.42 -15.86 26.08
C GLY A 579 -5.50 -15.33 24.99
N LYS A 580 -4.97 -16.22 24.16
CA LYS A 580 -4.09 -15.80 23.08
C LYS A 580 -4.52 -16.42 21.76
N ALA A 581 -4.11 -15.77 20.66
CA ALA A 581 -4.30 -16.30 19.31
C ALA A 581 -2.93 -16.50 18.69
N THR A 582 -2.75 -17.61 17.96
CA THR A 582 -1.48 -17.91 17.31
C THR A 582 -1.60 -17.82 15.80
N GLY A 583 -0.53 -17.35 15.16
CA GLY A 583 -0.41 -17.39 13.71
C GLY A 583 1.01 -17.81 13.35
N VAL A 584 1.19 -18.28 12.11
CA VAL A 584 2.49 -18.76 11.63
C VAL A 584 3.23 -17.60 10.98
N VAL A 585 4.36 -17.19 11.58
CA VAL A 585 5.15 -16.11 10.98
C VAL A 585 6.35 -16.60 10.19
N ALA A 586 6.88 -17.78 10.50
CA ALA A 586 8.03 -18.30 9.74
C ALA A 586 8.21 -19.80 9.93
N CYS A 587 8.63 -20.44 8.83
CA CYS A 587 8.98 -21.87 8.78
CA CYS A 587 9.00 -21.84 8.81
C CYS A 587 10.24 -22.02 7.94
N VAL A 588 11.19 -22.82 8.43
CA VAL A 588 12.40 -23.17 7.69
C VAL A 588 12.38 -24.67 7.40
N LEU A 589 12.50 -25.02 6.12
CA LEU A 589 12.48 -26.39 5.64
C LEU A 589 13.81 -26.74 5.05
N GLN A 590 14.19 -28.00 5.18
CA GLN A 590 15.36 -28.56 4.49
C GLN A 590 14.84 -29.61 3.52
N VAL A 591 14.97 -29.36 2.22
CA VAL A 591 14.44 -30.27 1.20
C VAL A 591 15.52 -31.29 0.87
N PRO A 592 15.26 -32.59 1.09
CA PRO A 592 16.26 -33.59 0.68
C PRO A 592 16.46 -33.54 -0.83
N ILE A 593 17.70 -33.59 -1.26
CA ILE A 593 17.93 -33.51 -2.69
C ILE A 593 17.35 -34.74 -3.35
N GLY A 594 16.80 -34.55 -4.55
CA GLY A 594 16.15 -35.63 -5.24
C GLY A 594 15.44 -35.07 -6.44
N LYS A 595 14.34 -35.72 -6.82
CA LYS A 595 13.68 -35.40 -8.07
C LYS A 595 13.12 -33.97 -8.08
N GLU A 596 12.61 -33.52 -6.94
CA GLU A 596 12.01 -32.18 -6.94
C GLU A 596 13.06 -31.08 -7.02
N THR A 597 14.18 -31.26 -6.30
CA THR A 597 15.27 -30.28 -6.41
C THR A 597 15.93 -30.33 -7.79
N ASP A 598 15.99 -31.51 -8.41
CA ASP A 598 16.42 -31.59 -9.82
C ASP A 598 15.54 -30.72 -10.71
N ILE A 599 14.22 -30.89 -10.60
CA ILE A 599 13.30 -30.16 -11.45
C ILE A 599 13.44 -28.66 -11.26
N ILE A 600 13.49 -28.24 -10.00
CA ILE A 600 13.53 -26.80 -9.68
C ILE A 600 14.82 -26.19 -10.22
N CYS A 601 15.95 -26.83 -9.93
CA CYS A 601 17.24 -26.27 -10.37
C CYS A 601 17.34 -26.23 -11.89
N ALA A 602 16.77 -27.24 -12.55
CA ALA A 602 16.78 -27.29 -14.02
C ALA A 602 15.98 -26.15 -14.63
N GLU A 603 14.82 -25.85 -14.06
CA GLU A 603 14.05 -24.70 -14.58
C GLU A 603 14.80 -23.39 -14.43
N TYR A 604 15.46 -23.16 -13.27
CA TYR A 604 16.24 -21.92 -13.14
C TYR A 604 17.30 -21.86 -14.23
N ASP A 605 17.97 -22.98 -14.47
CA ASP A 605 18.99 -23.01 -15.50
C ASP A 605 18.41 -22.73 -16.88
N ASN A 606 17.28 -23.37 -17.21
CA ASN A 606 16.63 -23.13 -18.51
C ASN A 606 16.28 -21.66 -18.69
N LEU A 607 15.66 -21.06 -17.68
CA LEU A 607 15.24 -19.66 -17.82
C LEU A 607 16.46 -18.73 -17.87
N VAL A 608 17.54 -19.07 -17.18
CA VAL A 608 18.74 -18.22 -17.28
C VAL A 608 19.34 -18.34 -18.68
N SER A 609 19.57 -19.57 -19.13
CA SER A 609 20.18 -19.78 -20.46
C SER A 609 19.36 -19.15 -21.58
N LYS A 610 18.03 -19.17 -21.45
CA LYS A 610 17.21 -18.65 -22.54
C LYS A 610 17.01 -17.14 -22.46
N GLY A 611 17.69 -16.46 -21.52
CA GLY A 611 17.57 -15.02 -21.38
C GLY A 611 16.21 -14.53 -20.91
N GLN A 612 15.53 -15.31 -20.07
CA GLN A 612 14.19 -14.91 -19.64
C GLN A 612 14.18 -14.12 -18.33
N PHE A 613 15.34 -13.81 -17.75
CA PHE A 613 15.35 -12.96 -16.56
C PHE A 613 15.61 -11.51 -16.94
N ALA A 614 14.78 -10.62 -16.41
CA ALA A 614 14.99 -9.19 -16.52
C ALA A 614 15.89 -8.74 -15.37
N THR A 615 17.01 -8.11 -15.69
CA THR A 615 17.90 -7.63 -14.63
C THR A 615 17.42 -6.28 -14.13
N VAL A 616 17.28 -6.15 -12.82
CA VAL A 616 16.86 -4.89 -12.21
C VAL A 616 17.66 -4.67 -10.94
N ASP A 617 17.62 -3.44 -10.43
CA ASP A 617 18.25 -3.12 -9.17
C ASP A 617 17.18 -2.72 -8.17
N ARG A 618 17.34 -3.18 -6.95
CA ARG A 618 16.37 -2.96 -5.89
C ARG A 618 16.92 -2.06 -4.79
N PHE A 619 16.03 -1.35 -4.11
CA PHE A 619 16.42 -0.48 -2.99
C PHE A 619 17.56 0.45 -3.42
N GLY A 620 17.34 1.13 -4.54
CA GLY A 620 18.38 1.95 -5.15
C GLY A 620 19.45 1.11 -5.83
N GLY A 621 20.56 0.91 -5.14
CA GLY A 621 21.64 0.06 -5.63
C GLY A 621 22.13 -0.87 -4.55
N ASP A 622 21.23 -1.28 -3.65
CA ASP A 622 21.57 -2.21 -2.57
C ASP A 622 22.13 -3.52 -3.15
N HIS A 623 21.47 -4.05 -4.18
CA HIS A 623 21.87 -5.30 -4.80
C HIS A 623 21.21 -5.41 -6.17
N THR A 624 21.68 -6.38 -6.96
CA THR A 624 21.10 -6.70 -8.26
C THR A 624 20.17 -7.90 -8.13
N VAL A 625 18.99 -7.82 -8.72
CA VAL A 625 18.05 -8.93 -8.75
C VAL A 625 17.57 -9.18 -10.18
N ASN A 626 17.46 -10.45 -10.53
CA ASN A 626 16.88 -10.86 -11.79
C ASN A 626 15.45 -11.34 -11.52
N MET A 627 14.52 -10.88 -12.36
CA MET A 627 13.11 -11.17 -12.18
C MET A 627 12.56 -11.91 -13.39
N THR A 628 11.61 -12.79 -13.13
CA THR A 628 10.78 -13.44 -14.16
C THR A 628 9.38 -13.63 -13.57
N GLY A 629 8.48 -14.25 -14.33
CA GLY A 629 7.11 -14.46 -13.88
C GLY A 629 6.14 -13.52 -14.56
N ASN A 630 4.90 -13.50 -14.04
CA ASN A 630 3.78 -12.79 -14.68
C ASN A 630 3.68 -11.35 -14.23
N ALA A 631 4.73 -10.59 -14.50
CA ALA A 631 4.70 -9.16 -14.23
C ALA A 631 3.82 -8.45 -15.27
N LEU A 632 3.47 -7.22 -14.95
CA LEU A 632 2.98 -6.27 -15.96
C LEU A 632 3.72 -4.96 -15.71
N ILE A 633 4.74 -4.69 -16.51
CA ILE A 633 5.55 -3.49 -16.33
C ILE A 633 4.85 -2.37 -17.12
N GLN A 634 4.00 -1.61 -16.42
CA GLN A 634 3.27 -0.52 -17.09
C GLN A 634 4.20 0.59 -17.54
N ASN A 635 5.40 0.66 -16.98
CA ASN A 635 6.44 1.53 -17.47
C ASN A 635 6.72 1.32 -18.97
N ASP A 636 6.62 0.07 -19.42
CA ASP A 636 6.80 -0.29 -20.82
C ASP A 636 5.47 -0.04 -21.51
N GLY A 637 5.39 1.06 -22.28
CA GLY A 637 4.12 1.48 -22.85
C GLY A 637 3.42 0.42 -23.68
N LYS A 638 4.19 -0.43 -24.35
CA LYS A 638 3.60 -1.46 -25.21
C LYS A 638 3.25 -2.75 -24.47
N ALA A 639 3.50 -2.81 -23.15
CA ALA A 639 3.21 -4.04 -22.40
C ALA A 639 1.71 -4.17 -22.20
N ILE A 640 1.14 -5.32 -22.56
CA ILE A 640 -0.30 -5.44 -22.50
C ILE A 640 -0.70 -6.87 -22.16
N SER A 641 0.28 -7.64 -21.69
CA SER A 641 0.09 -9.06 -21.40
C SER A 641 1.07 -9.49 -20.32
N LYS A 642 0.86 -10.68 -19.77
CA LYS A 642 1.64 -11.12 -18.63
C LYS A 642 3.11 -11.33 -19.03
N GLY A 643 4.02 -10.91 -18.15
CA GLY A 643 5.43 -11.15 -18.34
C GLY A 643 6.26 -9.89 -18.49
N TYR A 644 7.57 -10.03 -18.29
CA TYR A 644 8.51 -8.99 -18.66
C TYR A 644 8.66 -8.93 -20.17
N ALA A 645 9.33 -7.88 -20.64
CA ALA A 645 9.41 -7.65 -22.08
C ALA A 645 10.05 -8.82 -22.82
N VAL A 646 11.03 -9.48 -22.22
CA VAL A 646 11.66 -10.64 -22.87
C VAL A 646 10.62 -11.75 -23.08
N ALA A 647 9.72 -11.93 -22.12
CA ALA A 647 8.73 -12.98 -22.24
C ALA A 647 7.75 -12.66 -23.37
N HIS A 648 7.32 -11.38 -23.45
CA HIS A 648 6.44 -10.98 -24.55
C HIS A 648 7.10 -11.32 -25.89
N ARG A 649 8.39 -11.06 -26.01
CA ARG A 649 9.05 -11.27 -27.29
C ARG A 649 9.15 -12.75 -27.64
N ALA A 650 9.43 -13.59 -26.63
CA ALA A 650 9.70 -15.01 -26.90
C ALA A 650 8.46 -15.71 -27.45
N ARG A 651 7.27 -15.26 -27.06
CA ARG A 651 6.06 -15.88 -27.57
C ARG A 651 5.87 -15.63 -29.06
N VAL A 652 6.47 -14.56 -29.58
CA VAL A 652 6.36 -14.22 -31.00
C VAL A 652 7.55 -14.75 -31.79
N THR A 653 8.76 -14.60 -31.28
CA THR A 653 9.94 -14.93 -32.08
C THR A 653 10.32 -16.40 -32.09
N SER A 654 9.91 -17.18 -31.10
CA SER A 654 10.23 -18.61 -31.10
C SER A 654 9.72 -19.24 -32.40
N ASN A 655 10.54 -20.13 -32.97
CA ASN A 655 10.13 -20.89 -34.14
C ASN A 655 9.76 -22.32 -33.80
N VAL A 656 9.66 -22.65 -32.50
CA VAL A 656 9.34 -24.01 -32.07
C VAL A 656 8.02 -24.05 -31.31
N TYR A 657 7.94 -23.34 -30.18
CA TYR A 657 6.72 -23.39 -29.36
C TYR A 657 6.57 -22.09 -28.56
N GLY A 658 5.52 -21.33 -28.85
CA GLY A 658 5.34 -20.01 -28.30
C GLY A 658 5.10 -19.96 -26.79
N LYS A 659 4.56 -21.04 -26.21
CA LYS A 659 4.28 -21.04 -24.78
C LYS A 659 5.38 -21.67 -23.93
N ALA A 660 6.55 -21.96 -24.50
CA ALA A 660 7.51 -22.83 -23.79
C ALA A 660 7.89 -22.27 -22.41
N ASN A 661 8.18 -20.97 -22.35
CA ASN A 661 8.61 -20.36 -21.10
C ASN A 661 7.50 -20.31 -20.08
N ASP A 662 6.25 -20.26 -20.53
CA ASP A 662 5.12 -20.31 -19.60
C ASP A 662 4.98 -21.70 -18.99
N VAL A 663 5.26 -22.74 -19.77
CA VAL A 663 5.33 -24.09 -19.22
C VAL A 663 6.47 -24.18 -18.19
N SER A 664 7.63 -23.62 -18.53
CA SER A 664 8.78 -23.68 -17.62
C SER A 664 8.46 -22.95 -16.29
N LEU A 665 7.82 -21.78 -16.37
CA LEU A 665 7.52 -20.98 -15.18
C LEU A 665 6.48 -21.66 -14.33
N GLN A 666 5.47 -22.26 -14.97
CA GLN A 666 4.44 -22.96 -14.22
C GLN A 666 5.04 -24.16 -13.49
N ARG A 667 5.87 -24.94 -14.19
CA ARG A 667 6.50 -26.07 -13.51
C ARG A 667 7.37 -25.57 -12.34
N LEU A 668 8.10 -24.48 -12.55
CA LEU A 668 8.99 -23.96 -11.52
C LEU A 668 8.16 -23.54 -10.30
N ALA A 669 7.09 -22.77 -10.53
CA ALA A 669 6.28 -22.32 -9.41
C ALA A 669 5.57 -23.47 -8.74
N GLU A 670 5.06 -24.41 -9.54
CA GLU A 670 4.22 -25.46 -8.95
C GLU A 670 5.07 -26.48 -8.21
N THR A 671 6.29 -26.70 -8.65
CA THR A 671 7.14 -27.68 -7.99
C THR A 671 7.65 -27.14 -6.63
N VAL A 672 8.04 -25.87 -6.60
CA VAL A 672 8.40 -25.24 -5.34
C VAL A 672 7.17 -25.27 -4.42
N TRP A 673 6.02 -24.87 -4.96
CA TRP A 673 4.78 -24.83 -4.18
C TRP A 673 4.47 -26.19 -3.60
N SER A 674 4.62 -27.23 -4.41
CA SER A 674 4.27 -28.57 -4.00
C SER A 674 5.15 -29.06 -2.83
N VAL A 675 6.45 -28.80 -2.93
CA VAL A 675 7.37 -29.13 -1.87
C VAL A 675 6.95 -28.43 -0.56
N VAL A 676 6.55 -27.18 -0.67
CA VAL A 676 6.17 -26.43 0.51
C VAL A 676 4.82 -26.92 1.07
N GLU A 677 3.86 -27.18 0.19
CA GLU A 677 2.52 -27.54 0.61
C GLU A 677 2.50 -28.83 1.43
N LYS A 678 3.42 -29.76 1.14
CA LYS A 678 3.47 -31.02 1.85
C LYS A 678 3.75 -30.83 3.35
N ARG A 679 4.54 -29.81 3.69
CA ARG A 679 4.77 -29.46 5.08
C ARG A 679 3.76 -28.44 5.62
N LEU A 680 3.27 -27.53 4.77
CA LEU A 680 2.52 -26.38 5.24
C LEU A 680 1.16 -26.40 4.59
N SER A 681 0.21 -27.09 5.21
CA SER A 681 -1.10 -27.25 4.58
C SER A 681 -1.92 -25.96 4.57
N PHE A 682 -1.52 -24.93 5.34
CA PHE A 682 -2.22 -23.66 5.28
C PHE A 682 -1.94 -22.91 3.98
N MET A 683 -0.86 -23.26 3.28
CA MET A 683 -0.47 -22.52 2.09
C MET A 683 -1.52 -22.61 0.98
N PRO A 684 -2.00 -23.82 0.60
CA PRO A 684 -3.09 -23.85 -0.39
C PRO A 684 -4.36 -23.16 0.10
N ALA A 685 -4.66 -23.25 1.40
CA ALA A 685 -5.81 -22.54 1.97
C ALA A 685 -5.64 -21.03 1.83
N TYR A 686 -4.40 -20.55 1.96
CA TYR A 686 -4.14 -19.13 1.79
C TYR A 686 -4.32 -18.74 0.34
N ARG A 687 -3.77 -19.53 -0.57
CA ARG A 687 -3.99 -19.32 -2.00
C ARG A 687 -5.48 -19.27 -2.33
N ASP A 688 -6.24 -20.27 -1.89
CA ASP A 688 -7.67 -20.29 -2.22
C ASP A 688 -8.40 -19.07 -1.65
N LEU A 689 -7.90 -18.51 -0.55
CA LEU A 689 -8.62 -17.47 0.14
C LEU A 689 -8.42 -16.09 -0.50
N VAL A 690 -7.24 -15.82 -1.06
CA VAL A 690 -6.91 -14.45 -1.48
C VAL A 690 -6.83 -14.23 -2.99
N ILE A 691 -6.72 -15.28 -3.80
CA ILE A 691 -6.67 -15.11 -5.24
C ILE A 691 -8.08 -15.17 -5.79
N THR A 692 -8.51 -14.10 -6.46
CA THR A 692 -9.85 -14.09 -7.05
C THR A 692 -9.88 -14.94 -8.31
N GLU A 693 -11.10 -15.31 -8.74
CA GLU A 693 -11.30 -15.97 -10.03
C GLU A 693 -10.66 -15.18 -11.16
N GLN A 694 -10.70 -13.85 -11.07
CA GLN A 694 -10.12 -13.02 -12.12
C GLN A 694 -8.60 -12.99 -12.05
N GLY A 695 -8.03 -13.32 -10.90
CA GLY A 695 -6.58 -13.31 -10.74
C GLY A 695 -5.92 -14.64 -11.01
N LYS A 696 -6.67 -15.73 -10.89
CA LYS A 696 -6.13 -17.08 -11.11
C LYS A 696 -5.39 -17.27 -12.44
N PRO A 697 -5.88 -16.73 -13.57
CA PRO A 697 -5.13 -16.95 -14.83
C PRO A 697 -3.78 -16.24 -14.84
N PHE A 698 -3.55 -15.31 -13.92
CA PHE A 698 -2.32 -14.53 -13.92
C PHE A 698 -1.37 -14.90 -12.80
N MET A 699 -1.69 -15.90 -12.00
CA MET A 699 -0.70 -16.58 -11.15
C MET A 699 0.06 -17.62 -11.96
N LEU A 700 1.21 -18.04 -11.44
CA LEU A 700 1.99 -19.11 -12.05
C LEU A 700 1.41 -20.44 -11.61
N GLY A 701 0.65 -21.07 -12.48
CA GLY A 701 0.03 -22.33 -12.10
C GLY A 701 -0.90 -22.14 -10.91
N ALA A 702 -1.15 -23.24 -10.20
CA ALA A 702 -2.10 -23.26 -9.09
C ALA A 702 -1.36 -22.93 -7.79
N THR A 703 -0.79 -21.73 -7.76
CA THR A 703 0.03 -21.26 -6.66
C THR A 703 -0.38 -19.83 -6.31
N ALA A 704 0.17 -19.32 -5.22
CA ALA A 704 0.04 -17.91 -4.90
C ALA A 704 1.28 -17.14 -5.29
N THR A 705 2.03 -17.66 -6.27
CA THR A 705 3.21 -16.99 -6.79
C THR A 705 2.90 -16.39 -8.17
N ASN A 706 3.27 -15.12 -8.38
CA ASN A 706 3.28 -14.54 -9.71
C ASN A 706 4.63 -13.99 -10.14
N ILE A 707 5.53 -13.67 -9.21
CA ILE A 707 6.86 -13.19 -9.56
C ILE A 707 7.91 -14.08 -8.89
N ILE A 708 9.02 -14.31 -9.59
CA ILE A 708 10.12 -15.13 -9.10
C ILE A 708 11.42 -14.34 -9.28
N SER A 709 12.17 -14.16 -8.21
CA SER A 709 13.44 -13.45 -8.30
C SER A 709 14.61 -14.43 -8.30
N LEU A 710 15.79 -13.94 -8.64
CA LEU A 710 16.99 -14.78 -8.63
C LEU A 710 18.19 -13.90 -8.37
N THR A 711 18.95 -14.21 -7.31
CA THR A 711 20.15 -13.47 -6.96
C THR A 711 21.36 -14.40 -6.96
N GLU A 712 22.53 -13.81 -7.13
CA GLU A 712 23.78 -14.54 -7.28
C GLU A 712 24.79 -13.93 -6.32
N ASN A 713 25.11 -14.68 -5.26
CA ASN A 713 26.06 -14.25 -4.23
C ASN A 713 25.77 -12.84 -3.69
N GLN A 714 24.50 -12.53 -3.45
CA GLN A 714 24.07 -11.17 -3.11
C GLN A 714 23.58 -11.08 -1.67
N GLY A 715 24.04 -10.06 -0.96
CA GLY A 715 23.41 -9.67 0.30
C GLY A 715 22.25 -8.71 0.04
N VAL A 716 21.41 -8.54 1.06
CA VAL A 716 20.26 -7.66 0.99
C VAL A 716 20.09 -6.99 2.34
N MET A 717 19.93 -5.67 2.35
CA MET A 717 19.76 -4.98 3.63
C MET A 717 18.48 -5.46 4.31
N LEU A 718 18.43 -5.30 5.63
CA LEU A 718 17.22 -5.63 6.38
C LEU A 718 16.07 -4.76 5.91
N HIS A 719 14.90 -5.37 5.77
CA HIS A 719 13.73 -4.70 5.24
C HIS A 719 12.43 -5.45 5.42
N LEU A 720 11.34 -4.72 5.28
CA LEU A 720 10.05 -5.35 5.11
C LEU A 720 9.64 -5.20 3.67
N ASP A 721 9.13 -6.26 3.08
CA ASP A 721 8.48 -6.06 1.82
C ASP A 721 7.14 -5.37 2.15
N THR A 722 6.51 -4.78 1.17
CA THR A 722 5.28 -4.07 1.53
C THR A 722 4.10 -4.47 0.67
N ASP A 723 4.33 -4.60 -0.63
CA ASP A 723 3.24 -4.85 -1.58
C ASP A 723 3.22 -6.30 -2.06
N ASP A 724 3.62 -7.22 -1.19
CA ASP A 724 3.61 -8.64 -1.49
C ASP A 724 2.53 -9.36 -0.69
N GLY A 725 2.49 -10.68 -0.83
CA GLY A 725 1.43 -11.47 -0.24
C GLY A 725 1.63 -11.69 1.24
N VAL A 726 0.78 -12.55 1.80
CA VAL A 726 0.81 -12.77 3.24
C VAL A 726 2.01 -13.62 3.63
N TRP A 727 2.39 -14.57 2.78
CA TRP A 727 3.57 -15.40 3.02
C TRP A 727 4.42 -15.42 1.76
N THR A 728 5.74 -15.40 1.95
CA THR A 728 6.68 -15.46 0.84
C THR A 728 7.55 -16.71 0.99
N ILE A 729 7.92 -17.30 -0.14
CA ILE A 729 8.85 -18.44 -0.17
C ILE A 729 10.19 -17.93 -0.68
N ILE A 730 11.26 -18.30 0.02
CA ILE A 730 12.63 -18.06 -0.46
C ILE A 730 13.39 -19.38 -0.43
N LEU A 731 14.15 -19.66 -1.48
CA LEU A 731 14.97 -20.86 -1.53
C LEU A 731 16.36 -20.50 -1.99
N TRP A 732 17.29 -21.42 -1.77
CA TRP A 732 18.68 -21.29 -2.20
C TRP A 732 19.20 -22.64 -2.66
N PHE A 733 20.13 -22.58 -3.61
CA PHE A 733 20.90 -23.76 -4.01
C PHE A 733 22.23 -23.28 -4.56
N HIS A 734 23.19 -24.19 -4.57
CA HIS A 734 24.59 -23.85 -4.84
C HIS A 734 25.14 -24.56 -6.07
N ARG A 735 26.09 -23.89 -6.73
CA ARG A 735 26.79 -24.40 -7.91
C ARG A 735 28.28 -24.17 -7.71
N HIS A 736 29.08 -25.19 -8.02
CA HIS A 736 30.55 -25.22 -7.87
C HIS A 736 30.98 -25.37 -6.41
N SER A 737 32.27 -25.62 -6.20
CA SER A 737 32.81 -25.83 -4.88
CA SER A 737 32.82 -25.82 -4.87
C SER A 737 33.38 -24.52 -4.34
N GLY A 738 33.55 -24.48 -3.02
CA GLY A 738 34.18 -23.34 -2.40
C GLY A 738 33.72 -23.16 -0.98
N ILE A 739 34.11 -22.04 -0.41
CA ILE A 739 33.76 -21.70 0.96
C ILE A 739 33.04 -20.37 0.92
N ILE A 740 31.94 -20.28 1.66
CA ILE A 740 31.18 -19.05 1.77
C ILE A 740 31.29 -18.56 3.22
N ALA A 741 31.70 -17.31 3.38
CA ALA A 741 31.64 -16.65 4.68
C ALA A 741 30.54 -15.61 4.66
N GLY A 742 29.82 -15.46 5.77
CA GLY A 742 28.69 -14.54 5.74
C GLY A 742 27.55 -15.08 4.86
N GLY A 743 26.74 -14.15 4.36
CA GLY A 743 25.59 -14.48 3.54
C GLY A 743 24.44 -15.12 4.27
N GLU A 744 24.43 -15.04 5.61
CA GLU A 744 23.33 -15.61 6.39
C GLU A 744 22.00 -14.95 6.06
N PHE A 745 20.92 -15.73 6.12
CA PHE A 745 19.59 -15.15 6.15
C PHE A 745 19.26 -14.83 7.60
N VAL A 746 18.81 -13.61 7.85
CA VAL A 746 18.67 -13.11 9.22
C VAL A 746 17.24 -12.65 9.45
N LEU A 747 16.62 -13.16 10.52
CA LEU A 747 15.28 -12.78 10.95
C LEU A 747 15.44 -12.17 12.34
N PRO A 748 15.94 -10.92 12.41
CA PRO A 748 16.37 -10.40 13.72
C PRO A 748 15.24 -10.22 14.71
N SER A 749 14.00 -10.07 14.24
CA SER A 749 12.90 -9.95 15.19
C SER A 749 12.48 -11.30 15.78
N LEU A 750 12.89 -12.40 15.15
CA LEU A 750 12.76 -13.75 15.71
C LEU A 750 14.01 -14.20 16.45
N GLY A 751 15.09 -13.43 16.36
CA GLY A 751 16.33 -13.74 17.09
C GLY A 751 17.12 -14.90 16.51
N ILE A 752 16.98 -15.15 15.20
CA ILE A 752 17.60 -16.32 14.56
C ILE A 752 18.17 -15.93 13.20
N SER A 753 19.12 -16.75 12.75
CA SER A 753 19.72 -16.63 11.44
C SER A 753 20.13 -18.04 11.02
N PHE A 754 20.43 -18.22 9.74
CA PHE A 754 20.91 -19.51 9.25
C PHE A 754 21.67 -19.36 7.95
N GLN A 755 22.63 -20.28 7.74
CA GLN A 755 23.24 -20.54 6.43
C GLN A 755 22.36 -21.52 5.67
N PRO A 756 22.03 -21.22 4.41
CA PRO A 756 21.33 -22.23 3.55
C PRO A 756 22.28 -23.35 3.18
N LEU A 757 21.78 -24.59 3.20
CA LEU A 757 22.61 -25.77 2.96
C LEU A 757 22.29 -26.35 1.57
N ASP A 758 22.07 -27.65 1.43
CA ASP A 758 21.77 -28.24 0.11
C ASP A 758 20.57 -27.54 -0.54
N PHE A 759 19.45 -27.47 0.18
CA PHE A 759 18.22 -26.93 -0.39
C PHE A 759 17.27 -26.46 0.71
N THR A 760 17.67 -25.35 1.32
CA THR A 760 16.91 -24.74 2.41
C THR A 760 15.85 -23.85 1.82
N ILE A 761 14.65 -23.93 2.39
CA ILE A 761 13.56 -23.02 2.05
C ILE A 761 13.07 -22.35 3.32
N VAL A 762 12.76 -21.05 3.21
CA VAL A 762 12.09 -20.34 4.29
C VAL A 762 10.76 -19.82 3.76
N VAL A 763 9.72 -20.00 4.56
CA VAL A 763 8.39 -19.49 4.22
C VAL A 763 8.03 -18.56 5.35
N PHE A 764 7.73 -17.31 5.04
CA PHE A 764 7.55 -16.39 6.15
C PHE A 764 6.74 -15.18 5.71
N ALA A 765 6.23 -14.47 6.71
CA ALA A 765 5.32 -13.33 6.50
C ALA A 765 6.13 -12.08 6.20
N ALA A 766 6.38 -11.84 4.91
CA ALA A 766 7.45 -10.91 4.50
C ALA A 766 7.09 -9.45 4.63
N ASN A 767 5.80 -9.11 4.68
CA ASN A 767 5.46 -7.72 4.95
C ASN A 767 5.32 -7.44 6.44
N THR A 768 5.60 -8.44 7.28
CA THR A 768 5.40 -8.33 8.73
C THR A 768 6.66 -8.64 9.54
N ILE A 769 7.60 -9.39 8.97
CA ILE A 769 8.81 -9.83 9.66
C ILE A 769 10.00 -9.21 8.95
N VAL A 770 10.78 -8.38 9.65
CA VAL A 770 11.97 -7.80 9.03
C VAL A 770 12.96 -8.92 8.74
N HIS A 771 13.64 -8.83 7.62
CA HIS A 771 14.57 -9.87 7.20
C HIS A 771 15.57 -9.34 6.21
N GLY A 772 16.70 -10.02 6.08
CA GLY A 772 17.67 -9.66 5.07
C GLY A 772 18.75 -10.73 5.00
N THR A 773 19.77 -10.45 4.19
CA THR A 773 20.83 -11.40 3.90
C THR A 773 22.15 -10.68 4.04
N ARG A 774 23.04 -11.20 4.87
CA ARG A 774 24.33 -10.56 5.09
C ARG A 774 25.20 -10.61 3.83
N PRO A 775 26.11 -9.65 3.65
CA PRO A 775 27.07 -9.76 2.55
C PRO A 775 27.87 -11.03 2.71
N LEU A 776 28.34 -11.60 1.60
CA LEU A 776 29.17 -12.79 1.70
C LEU A 776 30.52 -12.56 1.04
N GLN A 777 31.50 -13.36 1.46
CA GLN A 777 32.78 -13.46 0.77
C GLN A 777 32.97 -14.94 0.41
N THR A 778 33.46 -15.20 -0.79
CA THR A 778 33.65 -16.58 -1.21
C THR A 778 35.11 -16.86 -1.47
N THR A 779 35.46 -18.12 -1.31
CA THR A 779 36.70 -18.69 -1.80
C THR A 779 36.35 -19.78 -2.79
N GLY A 780 37.00 -19.78 -3.95
CA GLY A 780 36.67 -20.76 -5.01
C GLY A 780 35.54 -20.29 -5.89
N LYS A 781 35.00 -21.19 -6.70
CA LYS A 781 34.01 -20.82 -7.72
C LYS A 781 32.57 -20.80 -7.18
N ILE A 782 32.35 -21.21 -5.92
CA ILE A 782 31.03 -21.39 -5.34
C ILE A 782 30.10 -20.22 -5.67
N ILE A 783 28.89 -20.54 -6.11
CA ILE A 783 27.85 -19.55 -6.30
C ILE A 783 26.65 -19.98 -5.48
N ARG A 784 26.15 -19.05 -4.66
CA ARG A 784 24.92 -19.27 -3.92
C ARG A 784 23.78 -18.55 -4.65
N TRP A 785 22.87 -19.33 -5.21
CA TRP A 785 21.71 -18.78 -5.91
C TRP A 785 20.57 -18.65 -4.91
N GLY A 786 20.01 -17.46 -4.83
CA GLY A 786 18.85 -17.23 -3.98
C GLY A 786 17.67 -16.83 -4.84
N SER A 787 16.48 -17.21 -4.40
CA SER A 787 15.32 -16.91 -5.21
C SER A 787 14.09 -16.78 -4.35
N SER A 788 13.33 -15.72 -4.55
CA SER A 788 12.05 -15.54 -3.92
C SER A 788 10.89 -15.91 -4.84
N HIS A 789 9.92 -16.65 -4.33
CA HIS A 789 8.63 -16.82 -5.01
C HIS A 789 7.60 -16.04 -4.25
N PHE A 790 6.98 -15.04 -4.89
CA PHE A 790 6.09 -14.17 -4.14
C PHE A 790 4.91 -13.71 -4.96
N LEU A 791 3.97 -13.09 -4.26
CA LEU A 791 2.79 -12.46 -4.85
C LEU A 791 2.99 -10.96 -4.82
N ARG A 792 3.13 -10.34 -5.99
CA ARG A 792 3.21 -8.88 -6.08
C ARG A 792 1.84 -8.46 -6.62
N PHE A 793 0.97 -7.98 -5.74
CA PHE A 793 -0.43 -7.94 -6.09
C PHE A 793 -0.78 -6.86 -7.11
N LYS A 794 0.08 -5.85 -7.27
CA LYS A 794 -0.18 -4.82 -8.29
C LYS A 794 -0.36 -5.44 -9.67
N ASP A 795 0.55 -6.34 -10.05
CA ASP A 795 0.55 -6.90 -11.41
C ASP A 795 -0.66 -7.77 -11.65
N VAL A 796 -1.03 -8.59 -10.66
CA VAL A 796 -2.16 -9.47 -10.83
C VAL A 796 -3.45 -8.65 -10.93
N ASN A 797 -3.52 -7.56 -10.17
CA ASN A 797 -4.68 -6.67 -10.24
C ASN A 797 -4.79 -6.01 -11.61
N ALA A 798 -3.70 -5.44 -12.10
CA ALA A 798 -3.75 -4.77 -13.41
C ALA A 798 -4.01 -5.80 -14.53
N LEU A 799 -3.43 -7.00 -14.41
CA LEU A 799 -3.68 -8.03 -15.40
C LEU A 799 -5.13 -8.53 -15.35
N ALA A 800 -5.67 -8.71 -14.14
CA ALA A 800 -7.08 -9.06 -14.01
C ALA A 800 -7.96 -7.96 -14.60
N GLN A 801 -7.51 -6.71 -14.48
CA GLN A 801 -8.29 -5.62 -15.06
C GLN A 801 -8.20 -5.64 -16.57
N LEU A 802 -7.01 -5.87 -17.12
CA LEU A 802 -6.86 -6.03 -18.58
C LEU A 802 -7.67 -7.20 -19.11
N GLY A 803 -7.71 -8.29 -18.35
CA GLY A 803 -8.49 -9.46 -18.76
C GLY A 803 -9.98 -9.15 -18.86
N ALA A 804 -10.50 -8.39 -17.89
CA ALA A 804 -11.92 -8.03 -17.91
C ALA A 804 -12.22 -7.06 -19.04
N ALA A 805 -11.25 -6.23 -19.41
CA ALA A 805 -11.51 -5.26 -20.47
C ALA A 805 -11.45 -5.89 -21.86
N TYR A 806 -10.50 -6.80 -22.09
CA TYR A 806 -10.23 -7.27 -23.44
C TYR A 806 -10.46 -8.75 -23.66
N GLY A 807 -10.55 -9.53 -22.59
CA GLY A 807 -10.61 -10.98 -22.69
C GLY A 807 -9.24 -11.54 -22.33
N VAL A 808 -9.19 -12.52 -21.43
CA VAL A 808 -7.92 -13.10 -21.03
C VAL A 808 -7.13 -13.61 -22.25
N ASP A 809 -7.80 -14.39 -23.11
CA ASP A 809 -7.11 -15.00 -24.25
C ASP A 809 -6.73 -14.03 -25.35
N GLU A 810 -7.34 -12.84 -25.38
CA GLU A 810 -7.03 -11.85 -26.41
C GLU A 810 -5.76 -11.05 -26.08
N LEU A 811 -5.20 -11.21 -24.88
CA LEU A 811 -4.02 -10.41 -24.53
C LEU A 811 -2.79 -10.76 -25.33
N ASP A 812 -2.63 -12.03 -25.71
CA ASP A 812 -1.45 -12.40 -26.51
C ASP A 812 -1.52 -11.79 -27.90
N ALA A 813 -2.72 -11.74 -28.46
CA ALA A 813 -2.92 -11.16 -29.79
C ALA A 813 -2.66 -9.66 -29.77
N LYS A 814 -3.18 -8.97 -28.74
CA LYS A 814 -2.88 -7.55 -28.58
C LYS A 814 -1.39 -7.34 -28.40
N GLN A 815 -0.75 -8.19 -27.59
CA GLN A 815 0.69 -8.04 -27.37
C GLN A 815 1.45 -8.20 -28.68
N ARG A 816 1.08 -9.22 -29.46
CA ARG A 816 1.68 -9.47 -30.76
C ARG A 816 1.51 -8.23 -31.66
N ASP A 817 0.29 -7.73 -31.78
CA ASP A 817 0.04 -6.56 -32.63
C ASP A 817 0.81 -5.34 -32.17
N GLN A 818 0.88 -5.13 -30.86
CA GLN A 818 1.53 -3.92 -30.36
C GLN A 818 3.04 -4.00 -30.54
N LEU A 819 3.62 -5.19 -30.42
CA LEU A 819 5.03 -5.35 -30.73
C LEU A 819 5.28 -5.10 -32.22
N GLU A 820 4.36 -5.57 -33.06
CA GLU A 820 4.51 -5.46 -34.52
C GLU A 820 4.49 -4.01 -34.98
N GLU A 821 3.54 -3.22 -34.49
CA GLU A 821 3.48 -1.84 -34.97
C GLU A 821 4.44 -0.90 -34.25
N VAL A 822 4.96 -1.26 -33.08
CA VAL A 822 6.07 -0.48 -32.53
C VAL A 822 7.34 -0.74 -33.36
N ASP A 823 7.53 -1.97 -33.83
CA ASP A 823 8.68 -2.27 -34.68
C ASP A 823 8.56 -1.59 -36.04
N ALA A 824 7.36 -1.56 -36.61
CA ALA A 824 7.17 -0.95 -37.92
C ALA A 824 7.52 0.54 -37.87
N ALA A 825 7.02 1.23 -36.85
CA ALA A 825 7.35 2.64 -36.67
C ALA A 825 8.86 2.83 -36.50
N ASN A 826 9.52 1.90 -35.82
CA ASN A 826 10.97 2.02 -35.63
C ASN A 826 11.72 1.79 -36.95
N SER A 827 11.17 0.99 -37.85
CA SER A 827 11.85 0.76 -39.12
C SER A 827 11.58 1.90 -40.11
N LYS A 828 10.36 2.38 -40.14
CA LYS A 828 9.96 3.43 -41.08
C LYS A 828 10.47 4.79 -40.62
N ASP A 829 10.04 5.23 -39.43
CA ASP A 829 10.26 6.61 -38.99
C ASP A 829 11.23 6.74 -37.82
N GLY A 830 11.83 5.64 -37.36
CA GLY A 830 12.90 5.72 -36.39
C GLY A 830 12.47 5.62 -34.94
N VAL A 831 13.44 5.87 -34.07
CA VAL A 831 13.29 5.63 -32.64
C VAL A 831 12.22 6.52 -32.02
N GLY A 832 12.20 7.78 -32.44
CA GLY A 832 11.27 8.75 -31.87
C GLY A 832 9.81 8.42 -32.15
N ALA A 833 9.54 7.95 -33.36
CA ALA A 833 8.17 7.55 -33.72
C ALA A 833 7.73 6.34 -32.90
N ALA A 834 8.63 5.37 -32.74
CA ALA A 834 8.32 4.15 -31.98
C ALA A 834 7.91 4.50 -30.55
N ARG A 835 8.60 5.47 -29.94
CA ARG A 835 8.25 5.89 -28.58
C ARG A 835 6.89 6.58 -28.54
N ARG A 836 6.55 7.32 -29.60
CA ARG A 836 5.24 7.95 -29.65
C ARG A 836 4.13 6.90 -29.72
N VAL A 837 4.36 5.83 -30.48
CA VAL A 837 3.38 4.76 -30.59
C VAL A 837 3.21 4.05 -29.26
N ALA A 838 4.33 3.76 -28.58
CA ALA A 838 4.26 3.12 -27.27
C ALA A 838 3.52 4.01 -26.26
N SER A 839 3.73 5.32 -26.33
CA SER A 839 3.04 6.23 -25.42
C SER A 839 1.54 6.25 -25.66
N CYS A 840 1.12 6.20 -26.92
CA CYS A 840 -0.30 6.08 -27.24
C CYS A 840 -0.87 4.77 -26.73
N MET A 841 -0.10 3.69 -26.84
CA MET A 841 -0.54 2.40 -26.32
C MET A 841 -0.72 2.45 -24.81
N ALA A 842 0.19 3.11 -24.11
CA ALA A 842 0.07 3.23 -22.66
C ALA A 842 -1.21 3.95 -22.27
N ALA A 843 -1.51 5.06 -22.95
CA ALA A 843 -2.72 5.82 -22.61
C ALA A 843 -3.99 5.00 -22.86
N GLU A 844 -4.05 4.28 -23.97
CA GLU A 844 -5.18 3.38 -24.22
C GLU A 844 -5.28 2.34 -23.10
N ARG A 845 -4.16 1.67 -22.83
CA ARG A 845 -4.08 0.69 -21.73
C ARG A 845 -4.54 1.30 -20.41
N LYS A 846 -3.95 2.44 -20.05
CA LYS A 846 -4.29 3.08 -18.79
C LYS A 846 -5.79 3.32 -18.68
N ALA A 847 -6.40 3.82 -19.75
CA ALA A 847 -7.82 4.14 -19.66
C ALA A 847 -8.66 2.88 -19.55
N ALA A 848 -8.20 1.78 -20.14
CA ALA A 848 -8.91 0.51 -19.99
C ALA A 848 -8.78 -0.01 -18.55
N ILE A 849 -7.59 0.10 -17.98
CA ILE A 849 -7.35 -0.39 -16.62
C ILE A 849 -8.19 0.40 -15.61
N GLU A 850 -8.19 1.72 -15.74
CA GLU A 850 -8.95 2.55 -14.80
C GLU A 850 -10.45 2.23 -14.83
N ALA A 851 -11.00 2.02 -16.03
CA ALA A 851 -12.41 1.65 -16.14
C ALA A 851 -12.70 0.37 -15.38
N GLN A 852 -11.87 -0.63 -15.54
CA GLN A 852 -12.11 -1.90 -14.87
C GLN A 852 -11.84 -1.80 -13.37
N LYS A 853 -10.80 -1.05 -13.00
CA LYS A 853 -10.55 -0.74 -11.60
C LYS A 853 -11.75 -0.02 -10.98
N ALA A 854 -12.34 0.91 -11.72
CA ALA A 854 -13.53 1.59 -11.21
C ALA A 854 -14.70 0.63 -11.01
N ALA A 855 -14.76 -0.43 -11.82
CA ALA A 855 -15.78 -1.46 -11.65
C ALA A 855 -15.41 -2.48 -10.57
N CYS A 856 -14.34 -2.22 -9.80
CA CYS A 856 -13.92 -3.08 -8.69
C CYS A 856 -13.48 -4.47 -9.16
N VAL A 857 -12.94 -4.54 -10.38
CA VAL A 857 -12.30 -5.76 -10.85
C VAL A 857 -10.97 -5.92 -10.14
N ARG A 858 -10.74 -7.10 -9.59
CA ARG A 858 -9.55 -7.32 -8.77
C ARG A 858 -8.99 -8.72 -8.97
N GLY A 859 -7.67 -8.84 -8.83
CA GLY A 859 -6.99 -10.14 -8.89
C GLY A 859 -6.79 -10.83 -7.56
N VAL A 860 -6.71 -10.03 -6.49
CA VAL A 860 -6.47 -10.49 -5.13
C VAL A 860 -7.37 -9.70 -4.19
N VAL A 861 -7.63 -10.24 -2.98
CA VAL A 861 -8.39 -9.46 -2.02
C VAL A 861 -7.40 -8.62 -1.23
N MET A 862 -7.82 -7.40 -0.92
CA MET A 862 -6.91 -6.45 -0.31
C MET A 862 -7.64 -5.71 0.79
N ASN A 863 -6.85 -5.26 1.76
CA ASN A 863 -7.41 -4.42 2.81
C ASN A 863 -7.79 -3.08 2.18
N PRO A 864 -9.07 -2.70 2.24
CA PRO A 864 -9.47 -1.38 1.68
C PRO A 864 -8.82 -0.21 2.41
N CYS A 865 -8.56 -0.37 3.71
CA CYS A 865 -7.94 0.70 4.50
C CYS A 865 -6.48 0.89 4.12
N THR A 866 -5.69 -0.18 4.13
CA THR A 866 -4.25 -0.08 3.91
C THR A 866 -3.85 -0.24 2.45
N GLY A 867 -4.73 -0.76 1.61
CA GLY A 867 -4.37 -1.14 0.26
C GLY A 867 -3.29 -2.20 0.19
N ARG A 868 -3.14 -2.99 1.27
CA ARG A 868 -2.20 -4.09 1.30
C ARG A 868 -2.93 -5.36 1.74
N MET A 869 -2.23 -6.47 1.67
CA MET A 869 -2.82 -7.75 2.04
C MET A 869 -2.77 -7.87 3.56
N PRO A 870 -3.56 -8.79 4.15
CA PRO A 870 -3.57 -8.90 5.62
C PRO A 870 -2.18 -9.21 6.17
N SER A 871 -1.96 -8.84 7.43
CA SER A 871 -0.65 -9.05 8.04
C SER A 871 -0.42 -10.53 8.35
N LEU A 872 -1.48 -11.28 8.59
CA LEU A 872 -1.42 -12.72 8.77
C LEU A 872 -2.83 -13.26 8.52
N LEU A 873 -2.94 -14.58 8.42
CA LEU A 873 -4.22 -15.26 8.26
C LEU A 873 -4.24 -16.49 9.14
N PHE A 874 -5.47 -16.96 9.40
CA PHE A 874 -5.73 -18.26 10.03
C PHE A 874 -5.41 -18.25 11.51
N TRP A 875 -5.58 -17.11 12.16
CA TRP A 875 -5.43 -17.02 13.61
C TRP A 875 -6.31 -18.03 14.33
N GLN A 876 -5.72 -18.76 15.28
CA GLN A 876 -6.45 -19.70 16.14
C GLN A 876 -6.49 -19.15 17.57
N VAL A 877 -7.70 -18.99 18.12
CA VAL A 877 -7.84 -18.55 19.50
C VAL A 877 -7.79 -19.77 20.43
N TRP A 878 -7.10 -19.62 21.57
CA TRP A 878 -6.99 -20.67 22.56
C TRP A 878 -7.57 -20.16 23.88
N ARG A 879 -8.39 -20.97 24.54
CA ARG A 879 -9.02 -20.60 25.79
C ARG A 879 -9.11 -21.83 26.68
N LYS A 880 -8.57 -21.73 27.89
CA LYS A 880 -8.56 -22.85 28.84
C LYS A 880 -9.33 -22.47 30.10
N PRO A 881 -10.66 -22.55 30.06
CA PRO A 881 -11.45 -22.32 31.29
C PRO A 881 -11.17 -23.40 32.33
N PRO A 882 -11.17 -23.04 33.62
CA PRO A 882 -10.91 -24.01 34.69
C PRO A 882 -12.15 -24.80 35.10
N1 5CM B 3 25.78 -2.75 -20.63
C2 5CM B 3 25.54 -1.93 -21.85
N3 5CM B 3 24.67 -2.44 -22.93
C4 5CM B 3 24.06 -3.75 -22.82
C5 5CM B 3 24.31 -4.59 -21.61
C5A 5CM B 3 23.69 -5.97 -21.48
C6 5CM B 3 25.19 -4.07 -20.53
O2 5CM B 3 26.04 -0.85 -21.93
N4 5CM B 3 23.22 -4.25 -23.90
C1' 5CM B 3 26.64 -2.25 -19.59
C2' 5CM B 3 26.22 -2.60 -18.39
C3' 5CM B 3 27.60 -2.67 -17.53
C4' 5CM B 3 28.45 -3.38 -18.32
O4' 5CM B 3 28.10 -2.91 -19.72
O3' 5CM B 3 28.11 -1.36 -17.37
C5' 5CM B 3 28.22 -4.88 -18.19
O5' 5CM B 3 28.95 -5.57 -19.18
P 5CM B 3 28.17 -6.61 -20.21
OP1 5CM B 3 28.10 -6.03 -21.59
OP2 5CM B 3 26.77 -6.87 -19.70
N1 5CM C 3 11.63 -7.04 -6.79
C2 5CM C 3 10.29 -6.63 -6.32
N3 5CM C 3 9.75 -7.31 -5.14
C4 5CM C 3 10.44 -8.35 -4.42
C5 5CM C 3 11.77 -8.77 -4.87
C5A 5CM C 3 12.54 -9.87 -4.15
C6 5CM C 3 12.32 -8.07 -6.05
O2 5CM C 3 9.64 -5.79 -6.83
N4 5CM C 3 9.82 -8.97 -3.28
C1' 5CM C 3 12.31 -6.44 -7.91
C2' 5CM C 3 11.59 -6.23 -9.02
C3' 5CM C 3 11.30 -4.66 -9.19
C4' 5CM C 3 12.27 -4.01 -8.46
O4' 5CM C 3 12.83 -5.01 -7.47
O3' 5CM C 3 11.48 -4.32 -10.57
C5' 5CM C 3 11.68 -2.87 -7.68
O5' 5CM C 3 12.69 -2.39 -6.84
P 5CM C 3 12.35 -1.03 -6.00
OP1 5CM C 3 11.14 -1.27 -5.14
OP2 5CM C 3 13.53 -0.51 -5.18
O1 PG4 D . 1.25 -29.68 28.16
C1 PG4 D . 1.65 -28.68 29.04
C2 PG4 D . 3.13 -28.38 28.77
O2 PG4 D . 3.92 -29.52 28.94
C3 PG4 D . 5.31 -29.36 28.91
C4 PG4 D . 5.80 -28.16 29.72
O3 PG4 D . 6.46 -27.26 28.88
C5 PG4 D . 5.69 -26.16 28.47
C6 PG4 D . 5.29 -26.31 26.99
O4 PG4 D . 6.34 -26.71 26.15
C7 PG4 D . 7.53 -26.00 26.29
C8 PG4 D . 7.40 -24.52 25.94
O5 PG4 D . 8.58 -23.88 26.34
C1 PG4 E . 30.33 -28.92 -10.48
C2 PG4 E . 31.63 -28.57 -11.19
O2 PG4 E . 32.03 -27.27 -10.86
C3 PG4 E . 33.43 -27.12 -10.86
C4 PG4 E . 33.89 -26.19 -9.75
O3 PG4 E . 33.97 -26.87 -8.53
C1 EDO F . 3.77 -32.99 13.22
O1 EDO F . 4.23 -32.45 14.45
C2 EDO F . 4.66 -34.16 12.83
O2 EDO F . 4.92 -34.95 14.00
C1 EDO G . 15.48 -31.40 18.30
O1 EDO G . 16.50 -30.51 17.83
C2 EDO G . 15.20 -32.43 17.23
O2 EDO G . 15.02 -31.76 15.96
C1 EDO H . 5.14 -0.66 -12.88
O1 EDO H . 5.79 -0.18 -14.07
C2 EDO H . 3.81 -1.31 -13.29
O2 EDO H . 3.12 -1.92 -12.18
C1 EDO I . 9.96 -11.14 26.68
O1 EDO I . 10.71 -10.11 26.02
C2 EDO I . 8.56 -11.20 26.11
O2 EDO I . 8.05 -12.53 26.23
C1 EDO J . -11.32 -15.21 -3.63
O1 EDO J . -12.24 -14.30 -4.25
C2 EDO J . -11.89 -16.63 -3.63
O2 EDO J . -11.60 -17.26 -4.88
C1 EDO K . 35.52 -13.69 -5.73
O1 EDO K . 34.15 -13.90 -6.03
C2 EDO K . 35.85 -14.43 -4.44
O2 EDO K . 35.84 -15.85 -4.68
C1 EDO L . 3.16 -29.02 -16.00
O1 EDO L . 4.37 -29.42 -15.35
C2 EDO L . 3.45 -27.88 -16.97
O2 EDO L . 3.92 -26.73 -16.26
C1 EDO M . 4.17 -17.36 -1.88
O1 EDO M . 4.50 -17.89 -3.17
C2 EDO M . 2.71 -16.93 -1.83
O2 EDO M . 2.53 -15.53 -2.09
C1 EDO N . 13.33 -21.10 -29.94
O1 EDO N . 13.18 -22.42 -29.44
C2 EDO N . 13.72 -21.18 -31.40
O2 EDO N . 12.78 -20.41 -32.12
C1 EDO O . 8.15 -19.28 -24.68
O1 EDO O . 7.10 -18.66 -23.91
C2 EDO O . 8.33 -18.81 -26.10
O2 EDO O . 9.31 -19.61 -26.76
C1 EDO P . -30.06 13.42 -25.39
O1 EDO P . -31.37 13.66 -24.86
C2 EDO P . -29.89 11.94 -25.72
O2 EDO P . -29.16 11.25 -24.70
C1 EDO Q . -3.34 0.72 -12.19
O1 EDO Q . -2.68 1.14 -13.40
C2 EDO Q . -3.25 -0.80 -12.03
O2 EDO Q . -4.48 -1.34 -11.51
C1 EDO R . -11.21 -0.84 -24.62
O1 EDO R . -11.55 -0.88 -23.23
C2 EDO R . -12.11 -1.79 -25.41
O2 EDO R . -12.50 -2.91 -24.62
FE FE2 S . 12.34 -9.48 1.12
#